data_9BC2
#
_entry.id   9BC2
#
_cell.length_a   71.609
_cell.length_b   71.609
_cell.length_c   309.780
_cell.angle_alpha   90.00
_cell.angle_beta   90.00
_cell.angle_gamma   90.00
#
_symmetry.space_group_name_H-M   'P 41 21 2'
#
loop_
_entity.id
_entity.type
_entity.pdbx_description
1 polymer 'Protein-glutamine gamma-glutamyltransferase 2'
2 polymer 'HB-225 (gluten peptidomimetic TG2 inhibitor)'
3 non-polymer 'SULFATE ION'
4 non-polymer 'CHLORIDE ION'
5 water water
#
loop_
_entity_poly.entity_id
_entity_poly.type
_entity_poly.pdbx_seq_one_letter_code
_entity_poly.pdbx_strand_id
1 'polypeptide(L)'
;MAEELVLERCDLELETNGRDHHTADLCREKLVVRRGQPFWLTLHFEGRNYEASVDSLTFSVVTGPAPSQEAGTKARFPLR
DAVEEGDWTATVVDQQDCTLSLQLTTPANAPIGLYRLSLEASTGYQGSSFVLGHFILLFNAWCPADAVYLDSEEERQEYV
LTQQGFIYQGSAKFIKNIPWNFGQFEDGILDICLILLDVNPKFLKNAGRDCSRRSSPVYVGRVVSGMVNCNDDQGVLLGR
WDNNYGDGVSPMSWIGSVDILRRWKNHGCQRVKYGQCWVFAAVACTVLRCLGIPTRVVTNYNSAHDQNSNLLIEYFRNEF
GEIQGDKSEMIWNFHCWVESWMTRPDLQPGYEGWQALDPTPQEKSEGTYCCGPVPVRAIKEGDLSTKYDAPFVFAEVNAD
VVDWIQQDDGSVHKSINRSLIVGLKISTKSVGRDEREDITHTYKYPEGSSEEREAFTRANHLNKLAEKEETGMAMRIRVG
QSMNMGSDFDVFAHITNNTAEEYVCRLLLCARTVSYNGILGPECGTKYLLNLNLEPFSEKSVPLCILYEKYRDCLTESNL
IKVRALLVEPVINSYLLAERDLYLENPEIKIRILGEPKQKRKLVAEVSLQNPLPVALEGCTFTVEGAGLTEEQKTVEIPD
PVEAGEEVKVRMDLLPLHMGLHKLVVNFESDKLKAVKGFRNVIIGPA
;
A
2 'polypeptide(L)' (ACE)P(A1ALE)LPF(NH2) E
#
loop_
_chem_comp.id
_chem_comp.type
_chem_comp.name
_chem_comp.formula
ACE non-polymer 'ACETYL GROUP' 'C2 H4 O'
CL non-polymer 'CHLORIDE ION' 'Cl -1'
NH2 non-polymer 'AMINO GROUP' 'H2 N'
SO4 non-polymer 'SULFATE ION' 'O4 S -2'
#
# COMPACT_ATOMS: atom_id res chain seq x y z
N MET A 1 28.04 -52.79 -41.30
CA MET A 1 29.51 -52.67 -41.08
C MET A 1 29.85 -51.41 -40.27
N ALA A 2 28.97 -50.39 -40.30
CA ALA A 2 29.31 -49.07 -39.81
C ALA A 2 29.44 -49.05 -38.29
N GLU A 3 30.45 -48.31 -37.80
CA GLU A 3 30.76 -48.20 -36.38
C GLU A 3 30.00 -47.02 -35.76
N GLU A 4 29.75 -47.11 -34.45
CA GLU A 4 29.06 -46.05 -33.71
C GLU A 4 29.98 -44.86 -33.56
N LEU A 5 29.37 -43.67 -33.39
CA LEU A 5 30.08 -42.41 -33.35
C LEU A 5 30.66 -42.18 -31.96
N VAL A 6 31.80 -41.48 -31.92
CA VAL A 6 32.41 -41.07 -30.66
C VAL A 6 32.56 -39.55 -30.70
N LEU A 7 31.92 -38.88 -29.73
CA LEU A 7 32.00 -37.44 -29.61
C LEU A 7 33.35 -37.09 -29.01
N GLU A 8 34.12 -36.25 -29.72
CA GLU A 8 35.33 -35.68 -29.17
C GLU A 8 34.95 -34.61 -28.15
N ARG A 9 34.10 -33.67 -28.58
CA ARG A 9 33.64 -32.58 -27.73
C ARG A 9 32.43 -31.90 -28.35
N CYS A 10 31.80 -31.03 -27.57
CA CYS A 10 30.67 -30.23 -27.99
C CYS A 10 30.99 -28.75 -27.78
N ASP A 11 30.98 -27.98 -28.88
CA ASP A 11 31.17 -26.53 -28.85
C ASP A 11 29.82 -25.86 -28.60
N LEU A 12 29.76 -24.98 -27.59
CA LEU A 12 28.53 -24.35 -27.17
C LEU A 12 28.26 -23.07 -27.96
N GLU A 13 29.28 -22.57 -28.68
CA GLU A 13 29.16 -21.37 -29.50
C GLU A 13 28.66 -20.21 -28.65
N LEU A 14 29.43 -19.86 -27.60
CA LEU A 14 29.00 -18.88 -26.62
C LEU A 14 28.94 -17.48 -27.21
N GLU A 15 29.72 -17.20 -28.26
CA GLU A 15 29.78 -15.87 -28.83
C GLU A 15 28.53 -15.60 -29.68
N THR A 16 28.34 -16.40 -30.74
CA THR A 16 27.24 -16.20 -31.66
C THR A 16 25.89 -16.39 -30.96
N ASN A 17 25.87 -17.23 -29.92
CA ASN A 17 24.66 -17.45 -29.14
C ASN A 17 24.39 -16.23 -28.27
N GLY A 18 25.41 -15.80 -27.51
CA GLY A 18 25.30 -14.61 -26.68
C GLY A 18 24.84 -13.39 -27.48
N ARG A 19 25.36 -13.25 -28.71
CA ARG A 19 25.01 -12.16 -29.59
C ARG A 19 23.54 -12.26 -30.01
N ASP A 20 23.16 -13.40 -30.58
CA ASP A 20 21.84 -13.52 -31.17
C ASP A 20 20.74 -13.54 -30.10
N HIS A 21 21.07 -14.02 -28.90
CA HIS A 21 20.08 -14.17 -27.83
C HIS A 21 20.14 -13.02 -26.83
N HIS A 22 21.01 -12.04 -27.07
CA HIS A 22 21.15 -10.86 -26.23
C HIS A 22 21.50 -11.29 -24.80
N THR A 23 22.44 -12.23 -24.68
CA THR A 23 22.90 -12.74 -23.40
C THR A 23 24.43 -12.79 -23.38
N ALA A 24 25.06 -11.85 -24.11
CA ALA A 24 26.49 -11.83 -24.32
C ALA A 24 27.25 -11.79 -22.99
N ASP A 25 26.70 -11.03 -22.03
CA ASP A 25 27.31 -10.84 -20.73
C ASP A 25 27.17 -12.09 -19.87
N LEU A 26 26.07 -12.83 -20.08
CA LEU A 26 25.77 -14.03 -19.30
C LEU A 26 26.44 -15.25 -19.91
N CYS A 27 27.17 -15.09 -21.03
CA CYS A 27 27.79 -16.21 -21.71
C CYS A 27 29.32 -16.13 -21.62
N ARG A 28 29.83 -15.83 -20.41
CA ARG A 28 31.27 -15.83 -20.19
C ARG A 28 31.75 -17.28 -20.16
N GLU A 29 31.15 -18.09 -19.28
CA GLU A 29 31.58 -19.47 -19.06
C GLU A 29 30.55 -20.45 -19.60
N LYS A 30 29.26 -20.06 -19.60
CA LYS A 30 28.16 -21.01 -19.76
C LYS A 30 27.19 -20.50 -20.82
N LEU A 31 26.56 -21.43 -21.55
CA LEU A 31 25.54 -21.08 -22.52
C LEU A 31 24.27 -20.69 -21.77
N VAL A 32 23.83 -19.45 -22.00
CA VAL A 32 22.50 -19.00 -21.63
C VAL A 32 21.83 -18.50 -22.91
N VAL A 33 20.58 -18.94 -23.13
CA VAL A 33 19.85 -18.54 -24.33
C VAL A 33 18.40 -18.28 -23.95
N ARG A 34 17.71 -17.57 -24.85
CA ARG A 34 16.32 -17.21 -24.62
C ARG A 34 15.43 -18.15 -25.43
N ARG A 35 14.18 -18.29 -24.99
CA ARG A 35 13.26 -19.27 -25.54
C ARG A 35 12.68 -18.75 -26.86
N GLY A 36 12.18 -19.70 -27.68
CA GLY A 36 11.43 -19.38 -28.88
C GLY A 36 12.33 -18.96 -30.04
N GLN A 37 13.61 -19.33 -29.97
CA GLN A 37 14.61 -18.81 -30.89
C GLN A 37 15.70 -19.86 -31.10
N PRO A 38 16.15 -20.09 -32.36
CA PRO A 38 17.22 -21.06 -32.63
C PRO A 38 18.59 -20.69 -32.03
N PHE A 39 19.27 -21.67 -31.45
CA PHE A 39 20.64 -21.52 -30.98
C PHE A 39 21.50 -22.64 -31.58
N TRP A 40 22.81 -22.58 -31.33
CA TRP A 40 23.77 -23.32 -32.13
C TRP A 40 24.74 -24.11 -31.26
N LEU A 41 24.81 -25.42 -31.54
CA LEU A 41 25.85 -26.30 -31.05
C LEU A 41 26.63 -26.84 -32.25
N THR A 42 27.91 -27.14 -32.05
CA THR A 42 28.73 -27.79 -33.05
C THR A 42 29.34 -29.03 -32.42
N LEU A 43 28.97 -30.21 -32.97
CA LEU A 43 29.55 -31.46 -32.53
C LEU A 43 30.85 -31.69 -33.29
N HIS A 44 31.95 -31.86 -32.56
CA HIS A 44 33.20 -32.37 -33.12
C HIS A 44 33.24 -33.88 -32.88
N PHE A 45 33.64 -34.65 -33.91
CA PHE A 45 33.64 -36.09 -33.82
C PHE A 45 35.06 -36.64 -33.94
N GLU A 46 35.29 -37.76 -33.25
CA GLU A 46 36.54 -38.51 -33.34
C GLU A 46 36.35 -39.66 -34.31
N GLY A 47 36.85 -39.48 -35.54
CA GLY A 47 36.73 -40.48 -36.59
C GLY A 47 35.61 -40.13 -37.57
N ARG A 48 34.86 -41.16 -37.99
CA ARG A 48 33.75 -41.01 -38.91
C ARG A 48 32.80 -39.89 -38.45
N ASN A 49 32.26 -39.15 -39.44
CA ASN A 49 31.30 -38.09 -39.16
C ASN A 49 29.88 -38.65 -39.24
N TYR A 50 28.92 -37.84 -38.79
CA TYR A 50 27.51 -38.15 -38.94
C TYR A 50 27.21 -38.41 -40.42
N GLU A 51 26.44 -39.47 -40.67
CA GLU A 51 25.84 -39.71 -41.97
C GLU A 51 24.36 -39.96 -41.75
N ALA A 52 23.51 -39.10 -42.33
CA ALA A 52 22.07 -39.18 -42.11
C ALA A 52 21.54 -40.55 -42.50
N SER A 53 22.18 -41.22 -43.45
CA SER A 53 21.72 -42.51 -43.94
C SER A 53 21.99 -43.61 -42.91
N VAL A 54 23.02 -43.41 -42.08
CA VAL A 54 23.50 -44.44 -41.17
C VAL A 54 22.99 -44.19 -39.75
N ASP A 55 23.28 -43.00 -39.22
CA ASP A 55 23.10 -42.71 -37.81
C ASP A 55 21.75 -42.04 -37.55
N SER A 56 21.14 -42.36 -36.40
CA SER A 56 19.95 -41.70 -35.89
C SER A 56 20.25 -41.06 -34.54
N LEU A 57 20.12 -39.73 -34.47
CA LEU A 57 20.44 -38.98 -33.27
C LEU A 57 19.17 -38.46 -32.60
N THR A 58 19.09 -38.67 -31.28
CA THR A 58 18.02 -38.14 -30.45
C THR A 58 18.66 -37.31 -29.33
N PHE A 59 17.94 -36.27 -28.90
CA PHE A 59 18.36 -35.43 -27.78
C PHE A 59 17.32 -35.53 -26.67
N SER A 60 17.79 -35.38 -25.42
CA SER A 60 16.92 -35.32 -24.27
C SER A 60 17.27 -34.09 -23.43
N VAL A 61 16.23 -33.36 -23.00
CA VAL A 61 16.40 -32.25 -22.08
C VAL A 61 15.55 -32.51 -20.85
N VAL A 62 16.12 -32.23 -19.67
CA VAL A 62 15.36 -32.19 -18.43
C VAL A 62 15.67 -30.86 -17.74
N THR A 63 14.69 -30.34 -17.00
CA THR A 63 14.91 -29.22 -16.08
C THR A 63 14.22 -29.53 -14.76
N GLY A 64 14.90 -29.22 -13.65
CA GLY A 64 14.31 -29.31 -12.33
C GLY A 64 14.49 -30.70 -11.72
N PRO A 65 13.98 -30.92 -10.49
CA PRO A 65 14.17 -32.18 -9.78
C PRO A 65 13.19 -33.32 -10.06
N ALA A 66 12.12 -33.05 -10.81
CA ALA A 66 11.13 -34.07 -11.11
C ALA A 66 10.62 -33.92 -12.54
N PRO A 67 11.52 -33.89 -13.56
CA PRO A 67 11.10 -33.65 -14.94
C PRO A 67 10.05 -34.66 -15.40
N SER A 68 9.11 -34.19 -16.23
CA SER A 68 8.18 -35.08 -16.91
C SER A 68 7.70 -34.39 -18.18
N GLN A 69 7.51 -35.19 -19.25
CA GLN A 69 7.18 -34.65 -20.55
C GLN A 69 5.85 -33.91 -20.49
N GLU A 70 4.87 -34.47 -19.76
CA GLU A 70 3.54 -33.87 -19.67
C GLU A 70 3.61 -32.48 -19.03
N ALA A 71 4.57 -32.28 -18.12
CA ALA A 71 4.71 -31.03 -17.40
C ALA A 71 5.55 -30.02 -18.19
N GLY A 72 6.14 -30.46 -19.31
CA GLY A 72 6.92 -29.58 -20.17
C GLY A 72 8.37 -29.45 -19.72
N THR A 73 8.74 -30.15 -18.63
CA THR A 73 10.06 -30.04 -18.04
C THR A 73 10.98 -31.13 -18.58
N LYS A 74 10.47 -31.98 -19.48
CA LYS A 74 11.26 -32.98 -20.17
C LYS A 74 10.87 -32.99 -21.65
N ALA A 75 11.84 -33.18 -22.54
CA ALA A 75 11.54 -33.31 -23.95
C ALA A 75 12.61 -34.14 -24.66
N ARG A 76 12.16 -35.09 -25.50
CA ARG A 76 13.02 -35.84 -26.40
C ARG A 76 12.68 -35.46 -27.83
N PHE A 77 13.69 -35.27 -28.67
CA PHE A 77 13.46 -34.89 -30.06
C PHE A 77 14.62 -35.34 -30.94
N PRO A 78 14.35 -35.75 -32.20
CA PRO A 78 15.39 -36.19 -33.12
C PRO A 78 16.19 -35.10 -33.81
N LEU A 79 17.23 -35.52 -34.55
CA LEU A 79 17.94 -34.67 -35.50
C LEU A 79 17.36 -34.95 -36.87
N ARG A 80 16.71 -33.95 -37.49
CA ARG A 80 16.08 -34.13 -38.79
C ARG A 80 15.85 -32.79 -39.47
N ASP A 81 15.66 -32.84 -40.79
CA ASP A 81 15.53 -31.65 -41.61
C ASP A 81 14.23 -30.92 -41.30
N ALA A 82 13.11 -31.66 -41.24
CA ALA A 82 11.82 -31.06 -40.94
C ALA A 82 11.85 -30.50 -39.52
N VAL A 83 11.60 -29.18 -39.42
CA VAL A 83 11.62 -28.46 -38.16
C VAL A 83 10.23 -27.89 -37.90
N GLU A 84 9.52 -28.44 -36.92
CA GLU A 84 8.18 -28.01 -36.57
C GLU A 84 8.24 -26.69 -35.81
N GLU A 85 7.26 -25.81 -36.05
CA GLU A 85 7.14 -24.56 -35.34
C GLU A 85 6.70 -24.80 -33.90
N GLY A 86 7.42 -24.17 -32.96
CA GLY A 86 6.99 -24.10 -31.57
C GLY A 86 7.29 -25.37 -30.78
N ASP A 87 8.10 -26.26 -31.35
CA ASP A 87 8.45 -27.51 -30.67
C ASP A 87 9.96 -27.57 -30.44
N TRP A 88 10.37 -28.50 -29.57
CA TRP A 88 11.77 -28.85 -29.44
C TRP A 88 12.22 -29.57 -30.70
N THR A 89 13.18 -28.96 -31.43
CA THR A 89 13.73 -29.55 -32.64
C THR A 89 15.24 -29.41 -32.61
N ALA A 90 15.90 -30.27 -33.39
CA ALA A 90 17.30 -30.11 -33.74
C ALA A 90 17.47 -30.50 -35.20
N THR A 91 18.28 -29.71 -35.92
CA THR A 91 18.51 -29.92 -37.34
C THR A 91 19.94 -29.53 -37.67
N VAL A 92 20.44 -29.98 -38.81
CA VAL A 92 21.79 -29.69 -39.24
C VAL A 92 21.78 -28.43 -40.10
N VAL A 93 22.74 -27.54 -39.87
CA VAL A 93 22.91 -26.35 -40.69
C VAL A 93 24.28 -26.35 -41.37
N ASP A 94 25.24 -27.14 -40.86
CA ASP A 94 26.54 -27.24 -41.51
C ASP A 94 27.19 -28.58 -41.17
N GLN A 95 27.98 -29.10 -42.12
CA GLN A 95 28.70 -30.35 -41.94
C GLN A 95 30.00 -30.30 -42.74
N GLN A 96 31.14 -30.26 -42.02
CA GLN A 96 32.46 -30.29 -42.62
C GLN A 96 33.02 -31.70 -42.46
N ASP A 97 34.36 -31.82 -42.46
CA ASP A 97 35.01 -33.11 -42.33
C ASP A 97 34.64 -33.74 -40.99
N CYS A 98 34.96 -33.04 -39.89
CA CYS A 98 34.87 -33.61 -38.55
C CYS A 98 33.65 -33.08 -37.80
N THR A 99 33.19 -31.86 -38.12
CA THR A 99 32.19 -31.17 -37.32
C THR A 99 30.79 -31.37 -37.91
N LEU A 100 29.78 -31.18 -37.04
CA LEU A 100 28.38 -31.17 -37.43
C LEU A 100 27.69 -30.04 -36.67
N SER A 101 27.21 -29.03 -37.41
CA SER A 101 26.57 -27.86 -36.83
C SER A 101 25.09 -28.12 -36.66
N LEU A 102 24.61 -27.99 -35.42
CA LEU A 102 23.23 -28.22 -35.06
C LEU A 102 22.56 -26.89 -34.77
N GLN A 103 21.23 -26.84 -35.00
CA GLN A 103 20.42 -25.70 -34.65
C GLN A 103 19.24 -26.17 -33.81
N LEU A 104 19.20 -25.72 -32.55
CA LEU A 104 18.18 -26.14 -31.60
C LEU A 104 17.17 -25.00 -31.41
N THR A 105 15.89 -25.37 -31.30
CA THR A 105 14.83 -24.42 -31.01
C THR A 105 14.06 -24.89 -29.78
N THR A 106 13.59 -23.93 -28.98
CA THR A 106 12.74 -24.22 -27.83
C THR A 106 11.37 -23.59 -28.07
N PRO A 107 10.28 -24.14 -27.51
CA PRO A 107 8.98 -23.46 -27.52
C PRO A 107 9.06 -22.09 -26.83
N ALA A 108 8.26 -21.14 -27.34
CA ALA A 108 8.18 -19.81 -26.75
C ALA A 108 7.50 -19.86 -25.38
N ASN A 109 6.79 -20.98 -25.11
CA ASN A 109 6.18 -21.21 -23.81
C ASN A 109 6.93 -22.30 -23.04
N ALA A 110 8.23 -22.43 -23.32
CA ALA A 110 9.07 -23.40 -22.62
C ALA A 110 9.34 -22.91 -21.20
N PRO A 111 9.39 -23.81 -20.20
CA PRO A 111 9.73 -23.39 -18.84
C PRO A 111 11.17 -22.88 -18.82
N ILE A 112 11.40 -21.76 -18.12
CA ILE A 112 12.73 -21.21 -18.00
C ILE A 112 13.48 -21.97 -16.91
N GLY A 113 14.81 -21.83 -16.90
CA GLY A 113 15.64 -22.44 -15.88
C GLY A 113 16.79 -23.25 -16.48
N LEU A 114 17.47 -24.02 -15.62
CA LEU A 114 18.64 -24.79 -16.01
C LEU A 114 18.21 -26.12 -16.64
N TYR A 115 18.88 -26.48 -17.74
CA TYR A 115 18.61 -27.74 -18.43
C TYR A 115 19.89 -28.55 -18.57
N ARG A 116 19.75 -29.89 -18.51
CA ARG A 116 20.82 -30.82 -18.85
C ARG A 116 20.53 -31.41 -20.23
N LEU A 117 21.47 -31.22 -21.16
CA LEU A 117 21.30 -31.71 -22.52
C LEU A 117 22.02 -33.05 -22.67
N SER A 118 21.30 -34.04 -23.19
CA SER A 118 21.84 -35.36 -23.45
C SER A 118 21.67 -35.71 -24.93
N LEU A 119 22.58 -36.54 -25.45
CA LEU A 119 22.56 -37.00 -26.84
C LEU A 119 22.58 -38.53 -26.86
N GLU A 120 21.76 -39.11 -27.74
CA GLU A 120 21.76 -40.55 -27.97
C GLU A 120 22.07 -40.83 -29.44
N ALA A 121 23.27 -41.36 -29.70
CA ALA A 121 23.73 -41.65 -31.04
C ALA A 121 23.57 -43.14 -31.34
N SER A 122 22.50 -43.46 -32.08
CA SER A 122 22.17 -44.83 -32.46
C SER A 122 22.62 -45.10 -33.89
N THR A 123 23.57 -46.03 -34.06
CA THR A 123 24.14 -46.33 -35.36
C THR A 123 23.80 -47.77 -35.72
N GLY A 124 22.80 -47.93 -36.60
CA GLY A 124 22.37 -49.24 -37.06
C GLY A 124 21.75 -50.06 -35.92
N TYR A 125 22.53 -51.00 -35.38
CA TYR A 125 22.05 -51.98 -34.41
C TYR A 125 22.25 -51.51 -32.96
N GLN A 126 23.02 -50.44 -32.76
CA GLN A 126 23.49 -50.08 -31.43
C GLN A 126 23.02 -48.67 -31.05
N GLY A 127 23.71 -48.08 -30.05
CA GLY A 127 23.34 -46.79 -29.49
C GLY A 127 24.19 -46.49 -28.25
N SER A 128 24.30 -45.21 -27.90
CA SER A 128 25.02 -44.79 -26.72
C SER A 128 24.56 -43.40 -26.28
N SER A 129 23.88 -43.33 -25.12
CA SER A 129 23.38 -42.09 -24.56
C SER A 129 24.44 -41.48 -23.65
N PHE A 130 24.46 -40.13 -23.57
CA PHE A 130 25.42 -39.42 -22.74
C PHE A 130 25.11 -37.93 -22.71
N VAL A 131 25.73 -37.23 -21.75
CA VAL A 131 25.47 -35.82 -21.48
C VAL A 131 26.34 -34.97 -22.40
N LEU A 132 25.74 -33.91 -22.96
CA LEU A 132 26.46 -32.91 -23.74
C LEU A 132 26.90 -31.77 -22.83
N GLY A 133 25.99 -31.31 -21.98
CA GLY A 133 26.22 -30.14 -21.15
C GLY A 133 24.90 -29.47 -20.78
N HIS A 134 24.99 -28.21 -20.36
CA HIS A 134 23.83 -27.48 -19.85
C HIS A 134 23.70 -26.16 -20.59
N PHE A 135 22.45 -25.77 -20.85
CA PHE A 135 22.12 -24.41 -21.24
C PHE A 135 21.08 -23.89 -20.24
N ILE A 136 21.04 -22.56 -20.06
CA ILE A 136 20.00 -21.92 -19.27
C ILE A 136 19.05 -21.20 -20.22
N LEU A 137 17.74 -21.45 -20.05
CA LEU A 137 16.72 -20.91 -20.93
C LEU A 137 16.01 -19.75 -20.21
N LEU A 138 16.01 -18.57 -20.84
CA LEU A 138 15.43 -17.37 -20.26
C LEU A 138 14.21 -16.92 -21.07
N PHE A 139 13.52 -15.90 -20.55
CA PHE A 139 12.39 -15.26 -21.22
C PHE A 139 12.92 -14.41 -22.38
N ASN A 140 12.10 -14.29 -23.43
CA ASN A 140 12.56 -13.69 -24.69
C ASN A 140 11.57 -12.61 -25.13
N ALA A 141 11.91 -11.35 -24.83
CA ALA A 141 11.08 -10.22 -25.22
C ALA A 141 11.22 -9.92 -26.72
N TRP A 142 12.20 -10.55 -27.38
CA TRP A 142 12.42 -10.38 -28.80
C TRP A 142 11.57 -11.35 -29.61
N CYS A 143 11.01 -12.38 -28.95
CA CYS A 143 10.34 -13.48 -29.63
C CYS A 143 8.84 -13.20 -29.76
N PRO A 144 8.31 -12.88 -30.96
CA PRO A 144 6.88 -12.58 -31.13
C PRO A 144 5.89 -13.55 -30.50
N ALA A 145 6.30 -14.83 -30.36
CA ALA A 145 5.42 -15.87 -29.86
C ALA A 145 5.47 -15.93 -28.32
N ASP A 146 6.45 -15.27 -27.70
CA ASP A 146 6.63 -15.29 -26.27
C ASP A 146 5.64 -14.36 -25.59
N ALA A 147 5.17 -14.74 -24.40
CA ALA A 147 4.22 -13.94 -23.64
C ALA A 147 4.82 -12.61 -23.20
N VAL A 148 6.15 -12.56 -22.99
CA VAL A 148 6.80 -11.34 -22.55
C VAL A 148 7.21 -10.48 -23.74
N TYR A 149 6.68 -10.79 -24.93
CA TYR A 149 7.09 -10.10 -26.15
C TYR A 149 6.85 -8.60 -25.99
N LEU A 150 7.76 -7.82 -26.59
CA LEU A 150 7.76 -6.37 -26.51
C LEU A 150 8.33 -5.83 -27.81
N ASP A 151 7.53 -5.06 -28.55
CA ASP A 151 7.73 -4.88 -29.99
C ASP A 151 8.66 -3.71 -30.33
N SER A 152 9.26 -3.07 -29.31
CA SER A 152 10.13 -1.92 -29.51
C SER A 152 11.53 -2.21 -28.98
N GLU A 153 12.54 -2.15 -29.86
CA GLU A 153 13.91 -2.46 -29.50
C GLU A 153 14.40 -1.54 -28.39
N GLU A 154 14.01 -0.25 -28.46
CA GLU A 154 14.46 0.73 -27.49
C GLU A 154 13.95 0.35 -26.10
N GLU A 155 12.74 -0.22 -26.07
CA GLU A 155 12.12 -0.66 -24.83
C GLU A 155 12.77 -1.95 -24.34
N ARG A 156 13.06 -2.87 -25.27
CA ARG A 156 13.77 -4.09 -24.94
C ARG A 156 15.13 -3.74 -24.31
N GLN A 157 15.82 -2.77 -24.91
CA GLN A 157 17.10 -2.29 -24.38
C GLN A 157 16.92 -1.75 -22.97
N GLU A 158 15.87 -0.94 -22.75
CA GLU A 158 15.66 -0.26 -21.48
C GLU A 158 15.28 -1.27 -20.40
N TYR A 159 14.19 -2.00 -20.63
CA TYR A 159 13.51 -2.73 -19.57
C TYR A 159 14.11 -4.12 -19.37
N VAL A 160 15.07 -4.54 -20.20
CA VAL A 160 15.68 -5.86 -20.06
C VAL A 160 17.21 -5.74 -19.95
N LEU A 161 17.83 -5.04 -20.90
CA LEU A 161 19.28 -5.11 -21.08
C LEU A 161 20.01 -4.03 -20.26
N THR A 162 19.41 -2.84 -20.13
CA THR A 162 20.08 -1.75 -19.41
C THR A 162 20.19 -2.13 -17.94
N GLN A 163 21.39 -1.96 -17.36
CA GLN A 163 21.68 -2.43 -16.01
C GLN A 163 21.81 -1.26 -15.03
N GLN A 164 21.58 -0.02 -15.49
CA GLN A 164 21.41 1.11 -14.59
C GLN A 164 20.17 1.89 -14.98
N GLY A 165 19.52 2.46 -13.96
CA GLY A 165 18.42 3.38 -14.16
C GLY A 165 18.32 4.35 -12.98
N PHE A 166 17.18 5.03 -12.88
CA PHE A 166 16.92 5.95 -11.79
C PHE A 166 15.74 5.43 -10.97
N ILE A 167 15.87 5.55 -9.66
CA ILE A 167 14.76 5.32 -8.75
C ILE A 167 14.40 6.67 -8.12
N TYR A 168 13.12 7.02 -8.16
CA TYR A 168 12.68 8.35 -7.79
C TYR A 168 12.24 8.35 -6.33
N GLN A 169 12.88 9.25 -5.55
CA GLN A 169 12.53 9.44 -4.16
C GLN A 169 12.09 10.89 -3.98
N GLY A 170 12.00 11.34 -2.72
CA GLY A 170 11.71 12.72 -2.39
C GLY A 170 10.22 12.92 -2.12
N SER A 171 9.67 14.03 -2.62
CA SER A 171 8.27 14.34 -2.48
C SER A 171 7.71 14.78 -3.83
N ALA A 172 6.38 14.92 -3.90
CA ALA A 172 5.72 15.26 -5.16
C ALA A 172 6.34 16.52 -5.76
N LYS A 173 6.65 17.52 -4.93
CA LYS A 173 7.12 18.80 -5.42
C LYS A 173 8.64 18.92 -5.39
N PHE A 174 9.33 17.96 -4.74
CA PHE A 174 10.78 17.91 -4.80
C PHE A 174 11.23 16.49 -5.12
N ILE A 175 11.19 16.16 -6.41
CA ILE A 175 11.57 14.84 -6.89
C ILE A 175 13.09 14.80 -7.04
N LYS A 176 13.69 13.70 -6.58
CA LYS A 176 15.12 13.46 -6.74
C LYS A 176 15.32 12.17 -7.53
N ASN A 177 16.28 12.21 -8.47
CA ASN A 177 16.65 11.04 -9.25
C ASN A 177 17.85 10.39 -8.58
N ILE A 178 17.64 9.18 -8.05
CA ILE A 178 18.71 8.42 -7.43
C ILE A 178 19.17 7.35 -8.43
N PRO A 179 20.47 7.30 -8.80
CA PRO A 179 20.95 6.35 -9.80
C PRO A 179 21.10 4.98 -9.14
N TRP A 180 20.94 3.92 -9.95
CA TRP A 180 20.91 2.57 -9.41
C TRP A 180 21.60 1.58 -10.34
N ASN A 181 22.41 0.70 -9.74
CA ASN A 181 23.04 -0.40 -10.44
C ASN A 181 22.18 -1.65 -10.28
N PHE A 182 21.45 -2.02 -11.33
CA PHE A 182 20.65 -3.24 -11.30
C PHE A 182 21.58 -4.44 -11.40
N GLY A 183 22.47 -4.40 -12.41
CA GLY A 183 23.54 -5.38 -12.54
C GLY A 183 23.01 -6.79 -12.68
N GLN A 184 21.94 -6.94 -13.47
CA GLN A 184 21.28 -8.23 -13.64
C GLN A 184 22.20 -9.20 -14.39
N PHE A 185 23.24 -8.67 -15.05
CA PHE A 185 24.13 -9.49 -15.85
C PHE A 185 25.52 -9.57 -15.24
N GLU A 186 25.65 -9.28 -13.93
CA GLU A 186 26.94 -9.41 -13.26
C GLU A 186 27.18 -10.87 -12.90
N ASP A 187 28.41 -11.16 -12.44
CA ASP A 187 28.82 -12.50 -12.03
C ASP A 187 27.96 -12.97 -10.85
N GLY A 188 27.35 -14.14 -11.00
CA GLY A 188 26.66 -14.81 -9.91
C GLY A 188 25.15 -14.59 -9.94
N ILE A 189 24.71 -13.41 -10.37
CA ILE A 189 23.33 -12.99 -10.20
C ILE A 189 22.38 -14.00 -10.82
N LEU A 190 22.65 -14.42 -12.07
CA LEU A 190 21.77 -15.34 -12.76
C LEU A 190 21.57 -16.61 -11.93
N ASP A 191 22.65 -17.14 -11.37
CA ASP A 191 22.59 -18.33 -10.54
C ASP A 191 21.78 -18.05 -9.28
N ILE A 192 22.02 -16.89 -8.66
CA ILE A 192 21.37 -16.51 -7.42
C ILE A 192 19.87 -16.36 -7.65
N CYS A 193 19.50 -15.80 -8.80
CA CYS A 193 18.09 -15.67 -9.15
C CYS A 193 17.48 -17.06 -9.30
N LEU A 194 18.18 -17.97 -9.96
CA LEU A 194 17.72 -19.33 -10.14
C LEU A 194 17.55 -20.00 -8.77
N ILE A 195 18.43 -19.70 -7.83
CA ILE A 195 18.34 -20.24 -6.47
C ILE A 195 17.08 -19.69 -5.80
N LEU A 196 16.88 -18.36 -5.90
CA LEU A 196 15.73 -17.70 -5.33
C LEU A 196 14.47 -18.48 -5.71
N LEU A 197 14.38 -18.92 -6.97
CA LEU A 197 13.22 -19.66 -7.44
C LEU A 197 13.16 -21.01 -6.73
N ASP A 198 14.28 -21.74 -6.71
CA ASP A 198 14.32 -23.11 -6.20
C ASP A 198 14.22 -23.17 -4.68
N VAL A 199 14.10 -22.02 -4.00
CA VAL A 199 13.84 -22.02 -2.56
C VAL A 199 12.43 -21.48 -2.29
N ASN A 200 11.66 -21.16 -3.34
CA ASN A 200 10.39 -20.49 -3.14
C ASN A 200 9.38 -21.48 -2.56
N PRO A 201 8.44 -21.02 -1.72
CA PRO A 201 7.44 -21.90 -1.11
C PRO A 201 6.71 -22.91 -1.99
N LYS A 202 6.40 -22.53 -3.24
CA LYS A 202 5.66 -23.40 -4.14
C LYS A 202 6.56 -24.53 -4.66
N PHE A 203 7.88 -24.28 -4.66
CA PHE A 203 8.85 -25.29 -5.09
C PHE A 203 8.98 -26.38 -4.03
N LEU A 204 8.99 -25.98 -2.76
CA LEU A 204 9.04 -26.90 -1.65
C LEU A 204 7.72 -27.69 -1.62
N LYS A 205 6.61 -26.97 -1.84
CA LYS A 205 5.29 -27.57 -1.85
C LYS A 205 5.18 -28.64 -2.93
N ASN A 206 5.76 -28.37 -4.12
CA ASN A 206 5.60 -29.26 -5.27
C ASN A 206 6.61 -28.92 -6.37
N ALA A 207 7.87 -29.31 -6.15
CA ALA A 207 8.98 -28.90 -7.00
C ALA A 207 8.69 -29.13 -8.49
N GLY A 208 8.11 -30.28 -8.81
CA GLY A 208 7.83 -30.64 -10.19
C GLY A 208 6.87 -29.65 -10.86
N ARG A 209 5.70 -29.47 -10.23
CA ARG A 209 4.72 -28.52 -10.72
C ARG A 209 5.32 -27.12 -10.80
N ASP A 210 6.15 -26.75 -9.82
CA ASP A 210 6.72 -25.40 -9.77
C ASP A 210 7.51 -25.14 -11.04
N CYS A 211 8.43 -26.06 -11.36
CA CYS A 211 9.33 -25.89 -12.49
C CYS A 211 8.54 -25.84 -13.80
N SER A 212 7.46 -26.63 -13.87
CA SER A 212 6.55 -26.59 -15.00
C SER A 212 5.98 -25.20 -15.20
N ARG A 213 5.60 -24.55 -14.09
CA ARG A 213 4.84 -23.31 -14.14
C ARG A 213 5.72 -22.10 -14.42
N ARG A 214 7.05 -22.28 -14.36
CA ARG A 214 7.97 -21.20 -14.65
C ARG A 214 7.99 -20.90 -16.15
N SER A 215 7.04 -21.48 -16.90
CA SER A 215 6.78 -21.09 -18.28
C SER A 215 6.02 -19.75 -18.31
N SER A 216 5.33 -19.44 -17.21
CA SER A 216 4.45 -18.29 -17.14
C SER A 216 5.17 -17.10 -16.51
N PRO A 217 5.26 -15.94 -17.19
CA PRO A 217 5.88 -14.76 -16.59
C PRO A 217 5.01 -14.13 -15.49
N VAL A 218 3.71 -14.46 -15.53
CA VAL A 218 2.79 -14.17 -14.42
C VAL A 218 3.27 -14.91 -13.17
N TYR A 219 3.41 -16.24 -13.30
CA TYR A 219 3.77 -17.10 -12.19
C TYR A 219 5.11 -16.67 -11.60
N VAL A 220 6.12 -16.49 -12.46
CA VAL A 220 7.46 -16.16 -12.03
C VAL A 220 7.47 -14.79 -11.36
N GLY A 221 6.79 -13.83 -11.97
CA GLY A 221 6.68 -12.49 -11.41
C GLY A 221 6.09 -12.51 -10.01
N ARG A 222 4.97 -13.23 -9.86
CA ARG A 222 4.32 -13.44 -8.57
C ARG A 222 5.32 -14.03 -7.58
N VAL A 223 6.11 -15.02 -8.02
CA VAL A 223 7.06 -15.70 -7.15
C VAL A 223 8.23 -14.77 -6.85
N VAL A 224 8.74 -14.09 -7.89
CA VAL A 224 9.82 -13.11 -7.74
C VAL A 224 9.47 -12.04 -6.71
N SER A 225 8.16 -11.76 -6.57
CA SER A 225 7.66 -10.65 -5.76
C SER A 225 7.71 -10.98 -4.27
N GLY A 226 7.03 -12.06 -3.87
CA GLY A 226 6.86 -12.37 -2.46
C GLY A 226 8.10 -13.01 -1.83
N MET A 227 9.19 -13.09 -2.59
CA MET A 227 10.41 -13.72 -2.11
C MET A 227 11.46 -12.67 -1.75
N VAL A 228 11.29 -11.45 -2.27
CA VAL A 228 12.22 -10.37 -1.97
C VAL A 228 12.02 -9.95 -0.52
N ASN A 229 10.76 -9.77 -0.12
CA ASN A 229 10.41 -9.65 1.30
C ASN A 229 9.45 -10.77 1.67
N CYS A 230 10.02 -11.90 2.10
CA CYS A 230 9.25 -12.99 2.67
C CYS A 230 9.08 -12.71 4.16
N ASN A 231 8.03 -13.31 4.76
CA ASN A 231 7.91 -13.36 6.21
C ASN A 231 8.79 -14.51 6.73
N ASP A 232 9.28 -15.34 5.80
CA ASP A 232 10.25 -16.38 6.10
C ASP A 232 11.64 -15.77 6.28
N ASP A 233 12.59 -16.64 6.67
CA ASP A 233 14.00 -16.29 6.74
C ASP A 233 14.63 -16.34 5.34
N GLN A 234 13.98 -17.05 4.41
CA GLN A 234 14.51 -17.30 3.08
C GLN A 234 14.44 -16.04 2.21
N GLY A 235 13.52 -15.12 2.55
CA GLY A 235 13.39 -13.85 1.86
C GLY A 235 14.71 -13.08 1.84
N VAL A 236 14.82 -12.13 0.90
CA VAL A 236 16.09 -11.50 0.59
C VAL A 236 16.36 -10.36 1.58
N LEU A 237 15.37 -9.48 1.78
CA LEU A 237 15.60 -8.22 2.47
C LEU A 237 14.81 -8.13 3.76
N LEU A 238 15.38 -7.37 4.71
CA LEU A 238 14.71 -7.02 5.95
C LEU A 238 14.43 -5.52 5.96
N GLY A 239 13.17 -5.15 6.18
CA GLY A 239 12.76 -3.75 6.22
C GLY A 239 12.93 -3.17 7.62
N ARG A 240 13.25 -1.86 7.68
CA ARG A 240 13.39 -1.13 8.93
C ARG A 240 13.34 0.38 8.62
N TRP A 241 12.49 1.11 9.35
CA TRP A 241 12.19 2.49 9.02
C TRP A 241 12.33 3.41 10.22
N ASP A 242 13.25 3.11 11.15
CA ASP A 242 13.34 3.83 12.41
C ASP A 242 14.74 4.40 12.63
N ASN A 243 15.39 4.84 11.54
CA ASN A 243 16.71 5.46 11.57
C ASN A 243 17.64 4.76 12.57
N ASN A 244 17.50 3.44 12.71
CA ASN A 244 18.33 2.64 13.61
C ASN A 244 18.87 1.43 12.84
N TYR A 245 19.86 1.69 11.97
CA TYR A 245 20.33 0.71 11.01
C TYR A 245 21.78 0.34 11.29
N GLY A 246 22.22 0.54 12.55
CA GLY A 246 23.61 0.30 12.93
C GLY A 246 23.98 -1.18 12.87
N ASP A 247 22.98 -2.05 12.90
CA ASP A 247 23.19 -3.49 12.88
C ASP A 247 23.74 -3.91 11.52
N GLY A 248 23.22 -3.31 10.44
CA GLY A 248 23.59 -3.67 9.09
C GLY A 248 23.92 -2.44 8.24
N VAL A 249 23.44 -2.45 6.99
CA VAL A 249 23.65 -1.36 6.05
C VAL A 249 22.36 -0.54 5.94
N SER A 250 22.52 0.77 5.74
CA SER A 250 21.39 1.70 5.70
C SER A 250 20.67 1.61 4.36
N PRO A 251 19.31 1.57 4.34
CA PRO A 251 18.55 1.59 3.08
C PRO A 251 18.99 2.66 2.08
N MET A 252 19.36 3.85 2.58
CA MET A 252 19.77 4.94 1.72
C MET A 252 21.16 4.70 1.16
N SER A 253 21.96 3.82 1.80
CA SER A 253 23.35 3.63 1.43
C SER A 253 23.48 2.86 0.10
N TRP A 254 22.65 1.82 -0.07
CA TRP A 254 22.69 0.98 -1.26
C TRP A 254 22.62 1.84 -2.52
N ILE A 255 23.38 1.44 -3.55
CA ILE A 255 23.31 2.05 -4.87
C ILE A 255 23.06 0.97 -5.93
N GLY A 256 22.84 -0.27 -5.50
CA GLY A 256 22.69 -1.37 -6.42
C GLY A 256 21.96 -2.55 -5.79
N SER A 257 21.49 -3.45 -6.65
CA SER A 257 20.86 -4.69 -6.22
C SER A 257 21.94 -5.73 -5.90
N VAL A 258 22.99 -5.76 -6.73
CA VAL A 258 23.92 -6.87 -6.82
C VAL A 258 24.41 -7.27 -5.43
N ASP A 259 24.95 -6.31 -4.68
CA ASP A 259 25.62 -6.60 -3.43
C ASP A 259 24.65 -7.23 -2.43
N ILE A 260 23.36 -6.89 -2.53
CA ILE A 260 22.33 -7.41 -1.64
C ILE A 260 22.09 -8.89 -1.96
N LEU A 261 21.98 -9.22 -3.25
CA LEU A 261 21.77 -10.60 -3.68
C LEU A 261 22.91 -11.49 -3.16
N ARG A 262 24.15 -10.98 -3.26
CA ARG A 262 25.33 -11.76 -2.92
C ARG A 262 25.36 -12.02 -1.42
N ARG A 263 25.26 -10.94 -0.63
CA ARG A 263 25.18 -11.04 0.82
C ARG A 263 24.15 -12.09 1.24
N TRP A 264 22.97 -12.03 0.61
CA TRP A 264 21.87 -12.94 0.94
C TRP A 264 22.31 -14.38 0.74
N LYS A 265 22.86 -14.69 -0.44
CA LYS A 265 23.35 -16.02 -0.74
C LYS A 265 24.51 -16.37 0.20
N ASN A 266 25.55 -15.55 0.20
CA ASN A 266 26.80 -15.86 0.85
C ASN A 266 26.62 -16.09 2.35
N HIS A 267 25.41 -15.80 2.89
CA HIS A 267 25.11 -16.03 4.29
C HIS A 267 23.89 -16.94 4.43
N GLY A 268 23.84 -18.01 3.62
CA GLY A 268 22.87 -19.07 3.78
C GLY A 268 21.44 -18.62 3.47
N CYS A 269 21.29 -17.66 2.55
CA CYS A 269 19.98 -17.13 2.16
C CYS A 269 19.26 -16.57 3.39
N GLN A 270 19.86 -15.55 4.02
CA GLN A 270 19.28 -14.92 5.18
C GLN A 270 19.18 -13.41 4.96
N ARG A 271 17.96 -12.90 5.19
CA ARG A 271 17.62 -11.49 5.11
C ARG A 271 18.86 -10.59 5.27
N VAL A 272 19.08 -9.72 4.29
CA VAL A 272 20.07 -8.66 4.38
C VAL A 272 19.43 -7.48 5.08
N LYS A 273 20.24 -6.67 5.78
CA LYS A 273 19.75 -5.54 6.55
C LYS A 273 20.35 -4.25 6.02
N TYR A 274 19.54 -3.22 5.71
CA TYR A 274 18.09 -3.25 5.70
C TYR A 274 17.57 -2.66 4.40
N GLY A 275 16.26 -2.77 4.15
CA GLY A 275 15.65 -2.28 2.93
C GLY A 275 14.42 -1.43 3.21
N GLN A 276 14.00 -0.68 2.18
CA GLN A 276 12.71 0.01 2.15
C GLN A 276 12.17 -0.04 0.73
N CYS A 277 10.85 0.17 0.60
CA CYS A 277 10.12 0.02 -0.66
C CYS A 277 11.02 0.02 -1.89
N TRP A 278 11.81 1.08 -2.08
CA TRP A 278 12.54 1.30 -3.33
C TRP A 278 13.68 0.29 -3.47
N VAL A 279 14.18 -0.24 -2.34
CA VAL A 279 15.24 -1.24 -2.37
C VAL A 279 14.62 -2.59 -2.75
N PHE A 280 13.42 -2.86 -2.26
CA PHE A 280 12.72 -4.09 -2.61
C PHE A 280 12.40 -4.11 -4.11
N ALA A 281 11.97 -2.97 -4.65
CA ALA A 281 11.55 -2.86 -6.04
C ALA A 281 12.76 -3.02 -6.96
N ALA A 282 13.87 -2.38 -6.59
CA ALA A 282 15.10 -2.49 -7.37
C ALA A 282 15.57 -3.95 -7.41
N VAL A 283 15.54 -4.61 -6.26
CA VAL A 283 15.92 -6.01 -6.16
C VAL A 283 15.01 -6.85 -7.05
N ALA A 284 13.69 -6.61 -6.98
CA ALA A 284 12.75 -7.32 -7.83
C ALA A 284 13.04 -7.00 -9.29
N CYS A 285 13.30 -5.73 -9.60
CA CYS A 285 13.56 -5.33 -10.97
C CYS A 285 14.76 -6.10 -11.52
N THR A 286 15.85 -6.12 -10.75
CA THR A 286 17.06 -6.84 -11.12
C THR A 286 16.74 -8.30 -11.44
N VAL A 287 16.09 -8.98 -10.49
CA VAL A 287 15.78 -10.40 -10.63
C VAL A 287 14.92 -10.63 -11.87
N LEU A 288 13.92 -9.77 -12.08
CA LEU A 288 13.01 -9.91 -13.20
C LEU A 288 13.73 -9.64 -14.53
N ARG A 289 14.53 -8.57 -14.60
CA ARG A 289 15.29 -8.24 -15.80
C ARG A 289 16.23 -9.39 -16.15
N CYS A 290 16.91 -9.93 -15.13
CA CYS A 290 17.85 -11.02 -15.30
C CYS A 290 17.18 -12.20 -16.00
N LEU A 291 15.98 -12.56 -15.53
CA LEU A 291 15.27 -13.71 -16.05
C LEU A 291 14.60 -13.40 -17.38
N GLY A 292 14.57 -12.12 -17.78
CA GLY A 292 14.19 -11.73 -19.13
C GLY A 292 12.80 -11.11 -19.21
N ILE A 293 12.20 -10.76 -18.07
CA ILE A 293 10.89 -10.14 -18.04
C ILE A 293 11.07 -8.63 -18.04
N PRO A 294 10.58 -7.89 -19.07
CA PRO A 294 10.79 -6.45 -19.13
C PRO A 294 10.16 -5.77 -17.92
N THR A 295 10.98 -5.06 -17.14
CA THR A 295 10.58 -4.56 -15.83
C THR A 295 11.15 -3.16 -15.60
N ARG A 296 10.48 -2.40 -14.73
CA ARG A 296 10.91 -1.06 -14.35
C ARG A 296 10.40 -0.73 -12.96
N VAL A 297 11.17 0.08 -12.24
CA VAL A 297 10.78 0.59 -10.94
C VAL A 297 9.94 1.85 -11.15
N VAL A 298 8.92 2.03 -10.32
CA VAL A 298 8.09 3.23 -10.35
C VAL A 298 8.03 3.81 -8.94
N THR A 299 7.80 5.13 -8.86
CA THR A 299 7.53 5.80 -7.61
C THR A 299 6.18 6.50 -7.70
N ASN A 300 5.32 6.24 -6.71
CA ASN A 300 4.09 7.00 -6.53
C ASN A 300 4.27 7.92 -5.32
N TYR A 301 3.76 9.15 -5.43
CA TYR A 301 3.94 10.18 -4.41
C TYR A 301 2.60 10.50 -3.77
N ASN A 302 2.64 10.74 -2.44
CA ASN A 302 1.49 11.24 -1.70
C ASN A 302 1.89 12.53 -0.99
N SER A 303 0.88 13.35 -0.63
CA SER A 303 1.11 14.59 0.10
C SER A 303 -0.05 14.83 1.08
N ALA A 304 0.30 15.25 2.30
CA ALA A 304 -0.67 15.43 3.37
C ALA A 304 -0.45 16.77 4.06
N HIS A 305 -1.54 17.52 4.24
CA HIS A 305 -1.51 18.87 4.81
C HIS A 305 -2.42 18.91 6.04
N ASP A 306 -2.33 20.01 6.80
CA ASP A 306 -3.19 20.23 7.95
C ASP A 306 -4.64 20.46 7.45
N SER A 309 -2.16 18.92 12.86
CA SER A 309 -2.93 17.77 13.43
C SER A 309 -4.36 17.76 12.90
N ASN A 310 -4.50 17.34 11.64
CA ASN A 310 -5.76 16.88 11.09
C ASN A 310 -5.95 15.45 11.57
N LEU A 311 -7.21 14.99 11.70
CA LEU A 311 -7.49 13.73 12.38
C LEU A 311 -6.88 12.56 11.62
N LEU A 312 -6.75 12.68 10.30
CA LEU A 312 -6.04 11.70 9.49
C LEU A 312 -4.58 11.62 9.96
N ILE A 313 -3.92 12.78 10.04
CA ILE A 313 -2.54 12.84 10.47
C ILE A 313 -2.44 12.26 11.89
N GLU A 314 -3.42 12.59 12.73
CA GLU A 314 -3.47 12.09 14.10
C GLU A 314 -3.66 10.58 14.11
N TYR A 315 -4.54 10.07 13.23
CA TYR A 315 -4.85 8.65 13.14
C TYR A 315 -3.58 7.84 12.90
N PHE A 316 -2.67 8.40 12.08
CA PHE A 316 -1.45 7.71 11.69
C PHE A 316 -0.30 8.07 12.63
N ARG A 317 -0.25 9.33 13.10
CA ARG A 317 0.83 9.83 13.93
C ARG A 317 0.98 8.98 15.19
N ASN A 318 -0.14 8.42 15.68
CA ASN A 318 -0.12 7.41 16.73
C ASN A 318 -1.50 6.76 16.83
N SER A 328 0.86 -1.10 8.93
CA SER A 328 1.36 -1.60 7.63
C SER A 328 0.72 -0.82 6.47
N GLU A 329 -0.52 -1.19 6.12
CA GLU A 329 -1.27 -0.51 5.07
C GLU A 329 -1.69 0.86 5.59
N MET A 330 -0.80 1.84 5.33
CA MET A 330 -0.88 3.19 5.86
C MET A 330 -0.63 4.12 4.67
N ILE A 331 -0.34 5.41 4.92
CA ILE A 331 -0.06 6.34 3.84
C ILE A 331 1.30 7.00 4.10
N TRP A 332 2.19 6.91 3.10
CA TRP A 332 3.58 7.31 3.22
C TRP A 332 3.87 8.47 2.29
N ASN A 333 5.06 9.06 2.43
CA ASN A 333 5.45 10.18 1.58
C ASN A 333 5.59 9.72 0.14
N PHE A 334 6.15 8.52 -0.06
CA PHE A 334 6.15 7.85 -1.35
C PHE A 334 6.27 6.34 -1.16
N HIS A 335 5.98 5.61 -2.23
CA HIS A 335 6.04 4.16 -2.24
C HIS A 335 6.46 3.70 -3.63
N CYS A 336 7.37 2.72 -3.70
CA CYS A 336 7.87 2.22 -4.96
C CYS A 336 7.51 0.75 -5.11
N TRP A 337 7.05 0.38 -6.32
CA TRP A 337 6.88 -1.00 -6.72
C TRP A 337 7.40 -1.16 -8.15
N VAL A 338 7.22 -2.34 -8.74
CA VAL A 338 7.69 -2.58 -10.10
C VAL A 338 6.49 -2.89 -11.00
N GLU A 339 6.65 -2.61 -12.29
CA GLU A 339 5.75 -3.09 -13.33
C GLU A 339 6.54 -4.01 -14.26
N SER A 340 5.89 -5.08 -14.73
CA SER A 340 6.50 -6.01 -15.69
C SER A 340 5.60 -6.15 -16.92
N TRP A 341 6.18 -6.58 -18.03
CA TRP A 341 5.50 -6.62 -19.32
C TRP A 341 5.21 -8.06 -19.72
N MET A 342 3.91 -8.39 -19.88
CA MET A 342 3.51 -9.72 -20.28
C MET A 342 2.05 -9.72 -20.75
N THR A 343 1.68 -10.75 -21.50
CA THR A 343 0.29 -11.05 -21.78
C THR A 343 -0.34 -11.64 -20.52
N ARG A 344 -1.67 -11.61 -20.46
CA ARG A 344 -2.41 -12.14 -19.33
C ARG A 344 -3.54 -13.03 -19.86
N PRO A 345 -3.22 -14.20 -20.45
CA PRO A 345 -4.26 -15.14 -20.90
C PRO A 345 -4.98 -15.84 -19.76
N ASP A 346 -4.51 -15.60 -18.53
CA ASP A 346 -5.19 -16.08 -17.34
C ASP A 346 -6.41 -15.20 -17.05
N LEU A 347 -6.40 -13.97 -17.59
CA LEU A 347 -7.45 -12.99 -17.40
C LEU A 347 -8.35 -12.94 -18.63
N GLN A 348 -9.25 -11.95 -18.63
CA GLN A 348 -10.03 -11.58 -19.80
C GLN A 348 -9.13 -10.96 -20.87
N PRO A 349 -9.54 -10.97 -22.16
CA PRO A 349 -8.84 -10.24 -23.20
C PRO A 349 -8.57 -8.79 -22.87
N GLY A 350 -7.40 -8.29 -23.29
CA GLY A 350 -7.11 -6.86 -23.29
C GLY A 350 -6.33 -6.39 -22.06
N TYR A 351 -5.78 -7.33 -21.28
CA TYR A 351 -5.01 -6.96 -20.11
C TYR A 351 -3.52 -7.25 -20.31
N GLU A 352 -3.15 -7.61 -21.53
CA GLU A 352 -1.74 -7.64 -21.92
C GLU A 352 -1.10 -6.27 -21.70
N GLY A 353 0.10 -6.26 -21.13
CA GLY A 353 0.87 -5.03 -20.98
C GLY A 353 1.55 -4.96 -19.62
N TRP A 354 1.57 -3.78 -19.02
CA TRP A 354 2.20 -3.57 -17.74
C TRP A 354 1.38 -4.20 -16.63
N GLN A 355 2.07 -4.98 -15.77
CA GLN A 355 1.45 -5.60 -14.61
C GLN A 355 2.19 -5.12 -13.36
N ALA A 356 1.44 -4.61 -12.37
CA ALA A 356 2.04 -4.07 -11.16
C ALA A 356 2.39 -5.20 -10.19
N LEU A 357 3.59 -5.12 -9.61
CA LEU A 357 4.08 -6.07 -8.64
C LEU A 357 4.67 -5.31 -7.46
N ASP A 358 4.30 -5.69 -6.23
CA ASP A 358 4.74 -4.98 -5.04
C ASP A 358 5.49 -5.93 -4.09
N PRO A 359 6.84 -6.00 -4.17
CA PRO A 359 7.61 -6.85 -3.25
C PRO A 359 7.72 -6.37 -1.81
N THR A 360 7.16 -5.20 -1.50
CA THR A 360 7.17 -4.67 -0.14
C THR A 360 6.08 -5.36 0.68
N PRO A 361 6.30 -5.58 2.00
CA PRO A 361 5.28 -6.12 2.90
C PRO A 361 3.82 -6.00 2.48
N GLY A 367 -2.40 -16.28 -0.53
CA GLY A 367 -0.94 -16.44 -0.77
C GLY A 367 -0.14 -15.33 -0.08
N THR A 368 0.95 -15.72 0.59
CA THR A 368 1.91 -14.76 1.13
C THR A 368 2.43 -13.90 -0.01
N TYR A 369 2.48 -14.50 -1.21
CA TYR A 369 2.82 -13.79 -2.44
C TYR A 369 1.89 -12.59 -2.58
N CYS A 370 2.41 -11.42 -2.20
CA CYS A 370 1.76 -10.15 -2.45
C CYS A 370 2.85 -9.13 -2.78
N CYS A 371 2.59 -8.25 -3.75
CA CYS A 371 1.30 -8.16 -4.41
C CYS A 371 1.48 -8.25 -5.92
N GLY A 372 0.55 -8.96 -6.57
CA GLY A 372 0.45 -8.95 -8.02
C GLY A 372 0.96 -10.25 -8.63
N PRO A 373 1.08 -10.32 -9.98
CA PRO A 373 0.88 -9.15 -10.85
C PRO A 373 -0.60 -8.84 -11.13
N VAL A 374 -0.92 -7.55 -11.23
CA VAL A 374 -2.25 -7.10 -11.61
C VAL A 374 -2.11 -6.09 -12.75
N PRO A 375 -2.98 -6.12 -13.78
CA PRO A 375 -2.86 -5.17 -14.89
C PRO A 375 -3.02 -3.74 -14.38
N VAL A 376 -2.21 -2.83 -14.91
CA VAL A 376 -2.29 -1.42 -14.55
C VAL A 376 -3.60 -0.85 -15.10
N ARG A 377 -4.07 -1.38 -16.24
CA ARG A 377 -5.32 -0.91 -16.83
C ARG A 377 -6.51 -1.33 -15.98
N ALA A 378 -6.36 -2.42 -15.21
CA ALA A 378 -7.41 -2.87 -14.30
C ALA A 378 -7.58 -1.89 -13.15
N ILE A 379 -6.48 -1.23 -12.73
CA ILE A 379 -6.51 -0.28 -11.62
C ILE A 379 -7.17 1.02 -12.07
N LYS A 380 -6.80 1.49 -13.26
CA LYS A 380 -7.35 2.71 -13.82
C LYS A 380 -8.83 2.53 -14.12
N GLU A 381 -9.25 1.30 -14.41
CA GLU A 381 -10.65 1.02 -14.73
C GLU A 381 -11.41 0.67 -13.46
N GLY A 382 -10.68 0.35 -12.38
CA GLY A 382 -11.28 -0.05 -11.12
C GLY A 382 -11.98 -1.41 -11.22
N ASP A 383 -11.49 -2.28 -12.12
CA ASP A 383 -11.96 -3.65 -12.18
C ASP A 383 -11.17 -4.45 -11.14
N LEU A 384 -11.59 -4.34 -9.87
CA LEU A 384 -10.76 -4.74 -8.75
C LEU A 384 -10.95 -6.23 -8.42
N SER A 385 -11.68 -6.95 -9.27
CA SER A 385 -11.80 -8.39 -9.17
C SER A 385 -10.77 -9.08 -10.08
N THR A 386 -9.94 -8.28 -10.76
CA THR A 386 -8.90 -8.79 -11.62
C THR A 386 -7.71 -9.22 -10.75
N LYS A 387 -7.25 -10.46 -10.97
CA LYS A 387 -6.16 -11.03 -10.20
C LYS A 387 -4.84 -10.46 -10.74
N TYR A 388 -3.85 -10.18 -9.89
CA TYR A 388 -3.79 -10.56 -8.49
C TYR A 388 -3.68 -9.32 -7.59
N ASP A 389 -4.57 -9.22 -6.60
CA ASP A 389 -4.46 -8.27 -5.51
C ASP A 389 -4.76 -6.85 -5.98
N ALA A 390 -5.85 -6.68 -6.74
CA ALA A 390 -6.15 -5.40 -7.35
C ALA A 390 -6.45 -4.34 -6.30
N PRO A 391 -7.30 -4.61 -5.28
CA PRO A 391 -7.60 -3.61 -4.25
C PRO A 391 -6.39 -3.03 -3.52
N PHE A 392 -5.33 -3.83 -3.37
CA PHE A 392 -4.14 -3.40 -2.66
C PHE A 392 -3.40 -2.32 -3.47
N VAL A 393 -3.28 -2.55 -4.78
CA VAL A 393 -2.66 -1.56 -5.67
C VAL A 393 -3.57 -0.33 -5.76
N PHE A 394 -4.87 -0.54 -5.99
CA PHE A 394 -5.82 0.55 -6.09
C PHE A 394 -5.69 1.48 -4.88
N ALA A 395 -5.53 0.89 -3.69
CA ALA A 395 -5.39 1.63 -2.45
C ALA A 395 -4.16 2.54 -2.46
N GLU A 396 -3.15 2.21 -3.28
CA GLU A 396 -1.88 2.90 -3.23
C GLU A 396 -1.93 4.20 -4.04
N VAL A 397 -2.99 4.38 -4.85
CA VAL A 397 -3.11 5.54 -5.73
C VAL A 397 -4.52 6.11 -5.68
N ASN A 398 -5.33 5.73 -4.69
CA ASN A 398 -6.69 6.25 -4.56
C ASN A 398 -7.05 6.35 -3.08
N ALA A 399 -7.45 7.56 -2.67
CA ALA A 399 -8.02 7.78 -1.36
C ALA A 399 -9.10 8.86 -1.46
N ASP A 400 -10.34 8.46 -1.17
CA ASP A 400 -11.50 9.35 -1.17
C ASP A 400 -11.76 9.80 0.26
N VAL A 401 -11.77 11.12 0.49
CA VAL A 401 -11.90 11.68 1.83
C VAL A 401 -12.99 12.76 1.83
N VAL A 402 -13.91 12.67 2.78
CA VAL A 402 -15.14 13.45 2.78
C VAL A 402 -15.45 13.94 4.19
N ASP A 403 -15.92 15.19 4.31
CA ASP A 403 -16.17 15.84 5.58
C ASP A 403 -17.66 16.13 5.78
N TRP A 404 -18.06 16.22 7.06
CA TRP A 404 -19.37 16.70 7.48
C TRP A 404 -19.17 17.49 8.78
N ILE A 405 -19.80 18.67 8.90
CA ILE A 405 -19.51 19.56 10.03
C ILE A 405 -20.71 20.45 10.38
N GLN A 406 -21.94 20.09 9.97
CA GLN A 406 -23.10 20.92 10.25
C GLN A 406 -23.20 21.15 11.77
N LYS A 414 -21.36 15.89 3.53
CA LYS A 414 -20.63 15.93 2.23
C LYS A 414 -19.89 17.26 2.08
N SER A 415 -18.70 17.19 1.48
CA SER A 415 -17.76 18.30 1.35
C SER A 415 -16.35 17.72 1.24
N ILE A 416 -15.91 17.45 0.01
CA ILE A 416 -14.66 16.76 -0.26
C ILE A 416 -13.51 17.46 0.45
N ASN A 417 -12.67 16.65 1.11
CA ASN A 417 -11.52 17.13 1.87
C ASN A 417 -10.27 16.93 1.03
N ARG A 418 -9.29 17.84 1.18
CA ARG A 418 -8.06 17.80 0.40
C ARG A 418 -6.85 17.98 1.32
N SER A 419 -7.00 17.58 2.59
CA SER A 419 -5.87 17.57 3.52
C SER A 419 -4.94 16.40 3.20
N LEU A 420 -5.31 15.57 2.21
CA LEU A 420 -4.60 14.35 1.91
C LEU A 420 -4.83 13.97 0.44
N ILE A 421 -3.73 13.94 -0.33
CA ILE A 421 -3.77 13.57 -1.73
C ILE A 421 -2.87 12.35 -1.92
N VAL A 422 -3.42 11.31 -2.56
CA VAL A 422 -2.67 10.12 -2.93
C VAL A 422 -2.82 9.93 -4.44
N GLY A 423 -1.76 9.42 -5.08
CA GLY A 423 -1.75 9.26 -6.52
C GLY A 423 -1.23 10.52 -7.22
N LEU A 424 0.00 10.91 -6.88
CA LEU A 424 0.63 12.08 -7.47
C LEU A 424 1.93 11.69 -8.16
N LYS A 425 2.15 12.30 -9.33
CA LYS A 425 3.40 12.18 -10.06
C LYS A 425 3.97 10.78 -9.96
N ILE A 426 3.23 9.79 -10.47
CA ILE A 426 3.76 8.43 -10.54
C ILE A 426 4.81 8.42 -11.64
N SER A 427 6.04 8.02 -11.28
CA SER A 427 7.22 8.32 -12.07
C SER A 427 8.04 7.07 -12.34
N THR A 428 8.84 7.14 -13.41
CA THR A 428 9.65 6.03 -13.88
C THR A 428 10.65 6.60 -14.87
N LYS A 429 11.78 5.92 -15.07
CA LYS A 429 12.81 6.40 -15.98
C LYS A 429 12.35 6.22 -17.42
N SER A 430 12.50 7.27 -18.23
CA SER A 430 12.11 7.25 -19.63
C SER A 430 13.01 6.28 -20.38
N VAL A 431 12.53 5.82 -21.54
CA VAL A 431 13.20 4.79 -22.31
C VAL A 431 14.45 5.38 -22.98
N GLY A 432 15.63 4.93 -22.54
CA GLY A 432 16.89 5.19 -23.21
C GLY A 432 17.35 6.65 -23.07
N ARG A 433 16.92 7.32 -21.99
CA ARG A 433 17.30 8.70 -21.72
C ARG A 433 17.40 8.90 -20.21
N ASP A 434 18.23 9.86 -19.78
CA ASP A 434 18.40 10.16 -18.36
C ASP A 434 17.35 11.21 -17.95
N GLU A 435 16.09 10.76 -17.90
CA GLU A 435 14.94 11.63 -17.70
C GLU A 435 13.87 10.86 -16.95
N ARG A 436 12.99 11.60 -16.27
CA ARG A 436 11.82 11.02 -15.60
C ARG A 436 10.64 11.03 -16.57
N GLU A 437 9.84 9.96 -16.56
CA GLU A 437 8.62 9.90 -17.34
C GLU A 437 7.43 9.82 -16.38
N ASP A 438 6.50 10.76 -16.51
CA ASP A 438 5.31 10.78 -15.68
C ASP A 438 4.30 9.80 -16.27
N ILE A 439 3.92 8.79 -15.47
CA ILE A 439 3.03 7.73 -15.93
C ILE A 439 1.75 7.74 -15.10
N THR A 440 1.41 8.89 -14.49
CA THR A 440 0.24 8.98 -13.62
C THR A 440 -1.01 8.60 -14.40
N HIS A 441 -1.07 9.00 -15.68
CA HIS A 441 -2.24 8.77 -16.52
C HIS A 441 -2.56 7.28 -16.69
N THR A 442 -1.58 6.40 -16.45
CA THR A 442 -1.81 4.97 -16.66
C THR A 442 -2.58 4.39 -15.47
N TYR A 443 -2.47 5.04 -14.30
CA TYR A 443 -3.10 4.54 -13.08
C TYR A 443 -4.45 5.22 -12.86
N LYS A 444 -4.55 6.52 -13.17
CA LYS A 444 -5.72 7.30 -12.80
C LYS A 444 -6.23 8.07 -14.01
N TYR A 445 -7.57 8.16 -14.11
CA TYR A 445 -8.21 9.04 -15.07
C TYR A 445 -8.13 10.47 -14.55
N PRO A 446 -8.35 11.50 -15.42
CA PRO A 446 -8.29 12.88 -14.99
C PRO A 446 -9.38 13.16 -13.95
N GLU A 447 -9.04 13.98 -12.96
CA GLU A 447 -9.89 14.17 -11.79
C GLU A 447 -11.20 14.83 -12.22
N GLY A 448 -12.32 14.21 -11.85
CA GLY A 448 -13.64 14.72 -12.16
C GLY A 448 -14.12 14.35 -13.56
N SER A 449 -13.44 13.38 -14.20
CA SER A 449 -13.80 12.96 -15.54
C SER A 449 -14.91 11.91 -15.47
N SER A 450 -15.63 11.75 -16.59
CA SER A 450 -16.66 10.73 -16.71
C SER A 450 -16.07 9.35 -16.46
N GLU A 451 -14.81 9.16 -16.87
CA GLU A 451 -14.13 7.87 -16.74
C GLU A 451 -13.71 7.63 -15.29
N GLU A 452 -13.20 8.70 -14.64
CA GLU A 452 -12.67 8.61 -13.28
C GLU A 452 -13.80 8.28 -12.30
N ARG A 453 -15.01 8.73 -12.63
CA ARG A 453 -16.20 8.43 -11.84
C ARG A 453 -16.71 7.05 -12.21
N GLU A 454 -16.80 6.78 -13.52
CA GLU A 454 -17.26 5.50 -14.04
C GLU A 454 -16.47 4.37 -13.39
N ALA A 455 -15.17 4.61 -13.19
CA ALA A 455 -14.25 3.60 -12.68
C ALA A 455 -14.31 3.53 -11.16
N PHE A 456 -14.53 4.68 -10.50
CA PHE A 456 -14.73 4.70 -9.06
C PHE A 456 -15.92 3.80 -8.71
N THR A 457 -16.96 3.84 -9.56
CA THR A 457 -18.13 2.99 -9.39
C THR A 457 -17.73 1.53 -9.42
N ARG A 458 -17.09 1.11 -10.53
CA ARG A 458 -16.71 -0.29 -10.74
C ARG A 458 -15.93 -0.80 -9.54
N ALA A 459 -15.16 0.10 -8.90
CA ALA A 459 -14.40 -0.22 -7.70
C ALA A 459 -15.33 -0.31 -6.49
N ASN A 460 -15.62 0.84 -5.87
CA ASN A 460 -16.47 0.91 -4.70
C ASN A 460 -17.93 0.84 -5.15
N HIS A 461 -18.39 -0.39 -5.44
CA HIS A 461 -19.74 -0.67 -5.89
C HIS A 461 -20.72 0.38 -5.39
N GLY A 472 -24.59 5.97 0.01
CA GLY A 472 -25.55 6.13 1.13
C GLY A 472 -24.88 6.24 2.50
N MET A 473 -23.60 5.87 2.60
CA MET A 473 -22.89 5.83 3.87
C MET A 473 -22.64 7.26 4.37
N ALA A 474 -22.99 7.49 5.64
CA ALA A 474 -22.97 8.83 6.21
C ALA A 474 -22.86 8.77 7.75
N MET A 475 -22.21 9.78 8.34
CA MET A 475 -21.94 9.81 9.77
C MET A 475 -21.95 11.26 10.29
N ARG A 476 -22.49 11.44 11.50
CA ARG A 476 -22.52 12.72 12.21
C ARG A 476 -22.22 12.51 13.68
N ILE A 477 -22.06 13.61 14.43
CA ILE A 477 -21.90 13.56 15.87
C ILE A 477 -23.26 13.82 16.52
N ARG A 478 -23.48 13.24 17.70
CA ARG A 478 -24.72 13.41 18.44
C ARG A 478 -24.43 13.48 19.94
N VAL A 479 -25.36 14.10 20.69
CA VAL A 479 -25.23 14.25 22.13
C VAL A 479 -26.42 13.59 22.82
N GLY A 480 -27.63 13.82 22.28
CA GLY A 480 -28.85 13.26 22.85
C GLY A 480 -29.37 14.12 23.99
N GLN A 481 -29.02 13.73 25.23
CA GLN A 481 -29.29 14.54 26.42
C GLN A 481 -28.32 15.72 26.41
N SER A 482 -28.57 16.70 27.28
CA SER A 482 -27.88 17.98 27.23
C SER A 482 -26.75 18.04 28.26
N MET A 483 -25.81 18.96 28.02
CA MET A 483 -24.48 18.94 28.62
C MET A 483 -24.33 20.09 29.59
N ASN A 484 -23.83 19.78 30.80
CA ASN A 484 -23.64 20.78 31.84
C ASN A 484 -22.19 20.74 32.30
N MET A 485 -21.54 21.91 32.33
CA MET A 485 -20.21 22.04 32.91
C MET A 485 -20.23 21.45 34.31
N GLY A 486 -19.44 20.39 34.53
CA GLY A 486 -19.44 19.67 35.79
C GLY A 486 -19.77 18.19 35.59
N SER A 487 -20.76 17.92 34.72
CA SER A 487 -21.33 16.60 34.57
C SER A 487 -20.55 15.79 33.54
N ASP A 488 -20.62 14.45 33.69
CA ASP A 488 -20.15 13.51 32.69
C ASP A 488 -21.28 13.20 31.73
N PHE A 489 -20.96 12.91 30.46
CA PHE A 489 -21.98 12.71 29.45
C PHE A 489 -21.42 11.99 28.23
N ASP A 490 -22.34 11.41 27.45
CA ASP A 490 -22.01 10.62 26.27
C ASP A 490 -22.10 11.47 25.02
N VAL A 491 -21.19 11.21 24.06
CA VAL A 491 -21.28 11.69 22.69
C VAL A 491 -21.31 10.46 21.79
N PHE A 492 -21.90 10.58 20.60
CA PHE A 492 -22.10 9.43 19.73
C PHE A 492 -21.59 9.73 18.32
N ALA A 493 -20.79 8.81 17.78
CA ALA A 493 -20.62 8.69 16.34
C ALA A 493 -21.82 7.93 15.79
N HIS A 494 -22.72 8.66 15.14
CA HIS A 494 -23.95 8.08 14.61
C HIS A 494 -23.74 7.75 13.13
N ILE A 495 -23.41 6.49 12.87
CA ILE A 495 -23.07 6.04 11.53
C ILE A 495 -24.29 5.36 10.92
N THR A 496 -24.51 5.61 9.63
CA THR A 496 -25.69 5.12 8.93
C THR A 496 -25.27 4.45 7.63
N ASN A 497 -25.36 3.12 7.60
CA ASN A 497 -25.21 2.35 6.38
C ASN A 497 -26.55 2.30 5.66
N ASN A 498 -26.76 3.27 4.77
CA ASN A 498 -28.00 3.43 4.02
C ASN A 498 -28.03 2.47 2.83
N THR A 499 -26.86 1.93 2.46
CA THR A 499 -26.71 1.07 1.30
C THR A 499 -26.98 -0.39 1.69
N ALA A 500 -26.94 -1.29 0.70
CA ALA A 500 -27.23 -2.69 0.90
C ALA A 500 -25.97 -3.48 1.27
N GLU A 501 -24.80 -2.83 1.21
CA GLU A 501 -23.54 -3.54 1.41
C GLU A 501 -23.04 -3.33 2.85
N GLU A 502 -22.79 -4.45 3.52
CA GLU A 502 -22.05 -4.47 4.77
C GLU A 502 -20.65 -3.92 4.52
N TYR A 503 -20.17 -3.08 5.44
CA TYR A 503 -18.79 -2.63 5.43
C TYR A 503 -18.12 -3.02 6.73
N VAL A 504 -16.80 -3.24 6.67
CA VAL A 504 -15.99 -3.45 7.85
C VAL A 504 -15.05 -2.26 7.98
N CYS A 505 -15.35 -1.39 8.95
CA CYS A 505 -14.69 -0.10 9.07
C CYS A 505 -13.82 -0.06 10.32
N ARG A 506 -12.90 0.91 10.36
CA ARG A 506 -12.21 1.29 11.58
C ARG A 506 -12.75 2.65 12.02
N LEU A 507 -12.89 2.85 13.35
CA LEU A 507 -13.46 4.08 13.88
C LEU A 507 -12.55 4.66 14.96
N LEU A 508 -12.09 5.91 14.74
CA LEU A 508 -11.49 6.70 15.79
C LEU A 508 -12.46 7.80 16.18
N LEU A 509 -12.83 7.82 17.47
CA LEU A 509 -13.76 8.78 18.03
C LEU A 509 -13.10 9.43 19.25
N CYS A 510 -12.73 10.71 19.14
CA CYS A 510 -11.96 11.37 20.17
C CYS A 510 -12.43 12.80 20.38
N ALA A 511 -12.08 13.36 21.56
CA ALA A 511 -12.48 14.70 21.96
C ALA A 511 -11.29 15.43 22.56
N ARG A 512 -11.08 16.67 22.14
CA ARG A 512 -10.09 17.57 22.73
C ARG A 512 -10.78 18.91 23.05
N THR A 513 -10.19 19.67 23.97
CA THR A 513 -10.67 21.02 24.26
C THR A 513 -10.17 21.96 23.17
N VAL A 514 -11.01 22.94 22.80
CA VAL A 514 -10.67 23.87 21.74
C VAL A 514 -10.99 25.29 22.22
N SER A 515 -10.18 26.26 21.78
CA SER A 515 -10.22 27.60 22.31
C SER A 515 -11.03 28.53 21.38
N TYR A 516 -11.50 29.64 21.95
CA TYR A 516 -12.23 30.66 21.21
C TYR A 516 -11.34 31.25 20.12
N ASN A 517 -10.01 31.19 20.29
CA ASN A 517 -9.08 31.71 19.31
C ASN A 517 -8.26 30.58 18.68
N GLY A 518 -8.85 29.38 18.56
CA GLY A 518 -8.46 28.41 17.55
C GLY A 518 -7.52 27.31 18.04
N ILE A 519 -6.99 27.43 19.27
CA ILE A 519 -5.98 26.50 19.77
C ILE A 519 -6.67 25.19 20.13
N LEU A 520 -5.90 24.09 20.19
CA LEU A 520 -6.42 22.78 20.56
C LEU A 520 -5.66 22.27 21.79
N GLY A 521 -6.41 21.66 22.72
CA GLY A 521 -5.87 21.26 24.01
C GLY A 521 -5.68 19.74 24.10
N PRO A 522 -5.39 19.20 25.31
CA PRO A 522 -5.14 17.77 25.49
C PRO A 522 -6.39 16.91 25.34
N GLU A 523 -6.17 15.60 25.21
CA GLU A 523 -7.23 14.64 24.96
C GLU A 523 -8.06 14.45 26.23
N CYS A 524 -9.38 14.43 26.06
CA CYS A 524 -10.32 14.23 27.16
C CYS A 524 -11.36 13.18 26.78
N GLY A 525 -10.93 12.16 26.04
CA GLY A 525 -11.81 11.09 25.57
C GLY A 525 -11.32 10.54 24.23
N THR A 526 -11.05 9.24 24.19
CA THR A 526 -10.59 8.57 22.98
C THR A 526 -11.10 7.13 22.98
N LYS A 527 -11.75 6.76 21.88
CA LYS A 527 -12.19 5.39 21.65
C LYS A 527 -11.76 5.00 20.24
N TYR A 528 -10.92 3.95 20.14
CA TYR A 528 -10.54 3.38 18.86
C TYR A 528 -11.21 2.00 18.72
N LEU A 529 -11.71 1.72 17.52
CA LEU A 529 -12.30 0.43 17.22
C LEU A 529 -11.73 -0.11 15.91
N LEU A 530 -10.96 -1.20 16.02
CA LEU A 530 -10.31 -1.83 14.88
C LEU A 530 -11.37 -2.46 13.98
N ASN A 531 -12.28 -3.25 14.56
CA ASN A 531 -13.31 -3.94 13.80
C ASN A 531 -14.67 -3.35 14.14
N LEU A 532 -15.29 -2.67 13.18
CA LEU A 532 -16.66 -2.19 13.33
C LEU A 532 -17.44 -2.61 12.09
N ASN A 533 -18.26 -3.65 12.24
CA ASN A 533 -19.12 -4.13 11.18
C ASN A 533 -20.39 -3.28 11.13
N LEU A 534 -20.93 -3.10 9.92
CA LEU A 534 -22.12 -2.30 9.69
C LEU A 534 -23.09 -3.09 8.82
N GLU A 535 -23.93 -3.90 9.48
CA GLU A 535 -24.87 -4.78 8.80
C GLU A 535 -25.73 -3.96 7.86
N PRO A 536 -26.08 -4.45 6.65
CA PRO A 536 -26.86 -3.67 5.66
C PRO A 536 -28.13 -3.00 6.16
N PHE A 537 -28.39 -1.78 5.64
CA PHE A 537 -29.58 -1.00 5.95
C PHE A 537 -29.73 -0.86 7.47
N SER A 538 -28.65 -0.45 8.14
CA SER A 538 -28.65 -0.35 9.59
C SER A 538 -27.94 0.93 10.01
N GLU A 539 -27.86 1.14 11.33
CA GLU A 539 -27.16 2.27 11.91
C GLU A 539 -26.48 1.85 13.19
N LYS A 540 -25.58 2.70 13.67
CA LYS A 540 -24.98 2.55 14.98
C LYS A 540 -24.76 3.94 15.57
N SER A 541 -24.99 4.05 16.88
CA SER A 541 -24.60 5.21 17.66
C SER A 541 -23.52 4.77 18.64
N VAL A 542 -22.27 5.16 18.37
CA VAL A 542 -21.13 4.61 19.10
C VAL A 542 -20.74 5.58 20.20
N PRO A 543 -20.97 5.23 21.48
CA PRO A 543 -20.71 6.15 22.59
C PRO A 543 -19.23 6.34 22.93
N LEU A 544 -18.90 7.57 23.33
CA LEU A 544 -17.68 7.87 24.06
C LEU A 544 -18.07 8.68 25.29
N CYS A 545 -17.47 8.37 26.44
CA CYS A 545 -17.78 9.06 27.68
C CYS A 545 -16.83 10.24 27.86
N ILE A 546 -17.40 11.42 28.09
CA ILE A 546 -16.62 12.62 28.37
C ILE A 546 -16.72 12.88 29.87
N LEU A 547 -15.60 12.74 30.57
CA LEU A 547 -15.59 12.80 32.02
C LEU A 547 -15.15 14.19 32.47
N TYR A 548 -15.78 14.72 33.52
CA TYR A 548 -15.34 15.94 34.16
C TYR A 548 -13.85 15.79 34.48
N GLU A 549 -13.50 14.75 35.22
CA GLU A 549 -12.12 14.49 35.61
C GLU A 549 -11.17 14.77 34.45
N LYS A 550 -11.56 14.36 33.24
CA LYS A 550 -10.71 14.55 32.07
C LYS A 550 -10.63 16.03 31.71
N TYR A 551 -11.77 16.64 31.33
CA TYR A 551 -11.74 17.93 30.66
C TYR A 551 -11.55 19.08 31.66
N ARG A 552 -11.96 18.88 32.92
CA ARG A 552 -12.24 19.98 33.84
C ARG A 552 -11.01 20.89 34.02
N ASP A 553 -9.82 20.30 34.12
CA ASP A 553 -8.62 21.06 34.47
C ASP A 553 -7.85 21.50 33.22
N CYS A 554 -8.30 21.06 32.04
CA CYS A 554 -7.65 21.40 30.78
C CYS A 554 -8.56 22.27 29.91
N LEU A 555 -9.61 22.84 30.52
CA LEU A 555 -10.60 23.63 29.81
C LEU A 555 -10.17 25.09 29.80
N THR A 556 -10.73 25.86 28.87
CA THR A 556 -10.57 27.32 28.86
C THR A 556 -11.96 27.94 29.04
N GLU A 557 -12.00 29.28 29.11
CA GLU A 557 -13.24 30.02 29.35
C GLU A 557 -14.27 29.71 28.27
N SER A 558 -13.80 29.17 27.13
CA SER A 558 -14.66 28.73 26.05
C SER A 558 -15.72 27.75 26.55
N ASN A 559 -15.30 26.76 27.34
CA ASN A 559 -16.12 25.60 27.68
C ASN A 559 -16.45 24.85 26.39
N LEU A 560 -15.40 24.61 25.60
CA LEU A 560 -15.52 24.08 24.24
C LEU A 560 -14.78 22.76 24.12
N ILE A 561 -15.53 21.69 23.80
CA ILE A 561 -14.96 20.40 23.48
C ILE A 561 -15.24 20.12 22.00
N LYS A 562 -14.20 19.79 21.24
CA LYS A 562 -14.34 19.44 19.83
C LYS A 562 -14.30 17.92 19.69
N VAL A 563 -15.45 17.33 19.31
CA VAL A 563 -15.57 15.90 19.10
C VAL A 563 -15.36 15.62 17.60
N ARG A 564 -14.58 14.56 17.30
CA ARG A 564 -14.19 14.26 15.94
C ARG A 564 -14.14 12.74 15.72
N ALA A 565 -14.89 12.27 14.72
CA ALA A 565 -14.92 10.86 14.34
C ALA A 565 -14.31 10.65 12.96
N LEU A 566 -13.38 9.70 12.86
CA LEU A 566 -12.80 9.28 11.59
C LEU A 566 -13.21 7.84 11.31
N LEU A 567 -13.87 7.59 10.17
CA LEU A 567 -14.34 6.26 9.83
C LEU A 567 -13.61 5.75 8.58
N VAL A 568 -12.81 4.70 8.75
CA VAL A 568 -11.96 4.18 7.69
C VAL A 568 -12.57 2.92 7.11
N GLU A 569 -12.79 2.92 5.79
CA GLU A 569 -12.99 1.70 5.02
C GLU A 569 -11.67 1.38 4.34
N PRO A 570 -10.83 0.47 4.89
CA PRO A 570 -9.42 0.37 4.50
C PRO A 570 -9.17 -0.36 3.18
N VAL A 571 -10.19 -1.09 2.70
CA VAL A 571 -10.06 -1.85 1.47
C VAL A 571 -9.96 -0.85 0.31
N ILE A 572 -11.00 -0.01 0.16
CA ILE A 572 -11.08 0.94 -0.94
C ILE A 572 -10.19 2.14 -0.62
N ASN A 573 -9.93 2.38 0.67
CA ASN A 573 -9.11 3.49 1.14
C ASN A 573 -9.94 4.77 1.11
N SER A 574 -11.24 4.66 1.41
CA SER A 574 -12.14 5.80 1.51
C SER A 574 -12.37 6.15 2.98
N TYR A 575 -12.56 7.45 3.24
CA TYR A 575 -12.62 7.98 4.60
C TYR A 575 -13.85 8.88 4.76
N LEU A 576 -14.47 8.82 5.94
CA LEU A 576 -15.49 9.77 6.37
C LEU A 576 -14.99 10.48 7.63
N LEU A 577 -14.94 11.82 7.56
CA LEU A 577 -14.63 12.64 8.71
C LEU A 577 -15.91 13.31 9.20
N ALA A 578 -16.04 13.43 10.53
CA ALA A 578 -17.11 14.20 11.13
C ALA A 578 -16.59 14.87 12.38
N GLU A 579 -16.91 16.17 12.51
CA GLU A 579 -16.47 16.98 13.63
C GLU A 579 -17.66 17.80 14.13
N ARG A 580 -17.62 18.13 15.42
CA ARG A 580 -18.66 18.96 16.02
C ARG A 580 -18.14 19.55 17.33
N ASP A 581 -18.34 20.87 17.47
CA ASP A 581 -17.95 21.59 18.66
C ASP A 581 -19.11 21.57 19.65
N LEU A 582 -18.76 21.56 20.95
CA LEU A 582 -19.71 21.32 22.02
C LEU A 582 -19.49 22.35 23.13
N TYR A 583 -20.57 23.07 23.49
CA TYR A 583 -20.51 24.10 24.51
C TYR A 583 -21.05 23.54 25.82
N LEU A 584 -20.19 23.51 26.85
CA LEU A 584 -20.59 23.11 28.19
C LEU A 584 -21.21 24.31 28.90
N GLU A 585 -22.55 24.36 28.93
CA GLU A 585 -23.27 25.50 29.45
C GLU A 585 -23.06 25.60 30.96
N ASN A 586 -23.18 26.83 31.48
CA ASN A 586 -23.10 27.11 32.90
C ASN A 586 -24.46 26.82 33.53
N PRO A 587 -24.54 26.69 34.88
CA PRO A 587 -25.82 26.44 35.55
C PRO A 587 -26.69 27.70 35.54
N GLU A 588 -28.00 27.51 35.36
CA GLU A 588 -28.94 28.62 35.32
C GLU A 588 -29.04 29.24 36.72
N ILE A 589 -29.24 30.56 36.75
CA ILE A 589 -29.61 31.27 37.96
C ILE A 589 -31.14 31.39 37.98
N LYS A 590 -31.76 30.78 39.01
CA LYS A 590 -33.20 30.87 39.20
C LYS A 590 -33.53 32.20 39.89
N ILE A 591 -34.54 32.90 39.36
CA ILE A 591 -34.94 34.20 39.88
C ILE A 591 -36.46 34.20 40.02
N ARG A 592 -36.97 34.58 41.20
CA ARG A 592 -38.39 34.57 41.47
C ARG A 592 -38.81 35.92 42.05
N ILE A 593 -40.05 36.32 41.77
CA ILE A 593 -40.59 37.62 42.14
C ILE A 593 -41.40 37.48 43.42
N LEU A 594 -40.77 37.73 44.57
CA LEU A 594 -41.46 37.74 45.85
C LEU A 594 -42.17 39.08 46.02
N GLY A 595 -43.51 39.04 46.10
CA GLY A 595 -44.33 40.23 46.23
C GLY A 595 -45.28 40.37 45.04
N GLU A 596 -45.91 41.55 44.92
CA GLU A 596 -46.99 41.75 43.96
C GLU A 596 -46.58 42.79 42.92
N PRO A 597 -47.10 42.72 41.67
CA PRO A 597 -46.60 43.53 40.56
C PRO A 597 -47.23 44.90 40.32
N LYS A 598 -48.01 45.40 41.29
CA LYS A 598 -48.72 46.66 41.12
C LYS A 598 -47.69 47.79 40.90
N GLN A 599 -48.12 48.81 40.15
CA GLN A 599 -47.35 50.02 39.92
C GLN A 599 -47.21 50.81 41.22
N LYS A 600 -46.91 50.11 42.32
CA LYS A 600 -46.53 50.71 43.59
C LYS A 600 -45.25 50.02 44.06
N ARG A 601 -45.20 49.61 45.34
CA ARG A 601 -43.99 49.08 45.93
C ARG A 601 -44.22 47.65 46.42
N LYS A 602 -43.31 47.15 47.27
CA LYS A 602 -43.50 45.93 48.06
C LYS A 602 -43.00 44.70 47.29
N LEU A 603 -41.71 44.64 46.96
CA LEU A 603 -41.16 43.51 46.22
C LEU A 603 -39.85 43.03 46.84
N VAL A 604 -39.54 41.74 46.62
CA VAL A 604 -38.35 41.09 47.15
C VAL A 604 -37.84 40.09 46.11
N ALA A 605 -36.52 39.84 46.12
CA ALA A 605 -35.86 39.04 45.09
C ALA A 605 -35.42 37.69 45.65
N GLU A 606 -35.70 36.62 44.90
CA GLU A 606 -35.26 35.28 45.23
C GLU A 606 -34.41 34.75 44.07
N VAL A 607 -33.14 34.48 44.33
CA VAL A 607 -32.18 34.15 43.29
C VAL A 607 -31.32 32.95 43.73
N SER A 608 -31.45 31.84 43.01
CA SER A 608 -30.83 30.58 43.39
C SER A 608 -29.99 30.02 42.24
N LEU A 609 -28.86 29.40 42.60
CA LEU A 609 -28.03 28.63 41.68
C LEU A 609 -27.77 27.26 42.29
N GLN A 610 -27.78 26.23 41.44
CA GLN A 610 -27.49 24.87 41.86
C GLN A 610 -26.11 24.47 41.36
N ASN A 611 -25.16 24.28 42.29
CA ASN A 611 -23.81 23.86 41.98
C ASN A 611 -23.85 22.57 41.17
N PRO A 612 -23.32 22.54 39.93
CA PRO A 612 -23.31 21.32 39.12
C PRO A 612 -22.05 20.47 39.22
N LEU A 613 -21.07 20.95 40.01
CA LEU A 613 -19.78 20.27 40.12
C LEU A 613 -19.87 19.18 41.18
N PRO A 614 -18.84 18.30 41.29
CA PRO A 614 -18.71 17.35 42.40
C PRO A 614 -17.61 17.74 43.38
N VAL A 615 -17.60 19.00 43.81
CA VAL A 615 -16.50 19.56 44.57
C VAL A 615 -17.01 20.74 45.42
N ALA A 616 -16.22 21.10 46.44
CA ALA A 616 -16.50 22.26 47.27
C ALA A 616 -16.30 23.54 46.45
N LEU A 617 -17.41 24.27 46.23
CA LEU A 617 -17.39 25.53 45.52
C LEU A 617 -17.20 26.66 46.54
N GLU A 618 -16.01 27.26 46.52
CA GLU A 618 -15.54 28.13 47.60
C GLU A 618 -15.89 29.59 47.28
N GLY A 619 -15.93 30.41 48.35
CA GLY A 619 -16.05 31.86 48.24
C GLY A 619 -17.14 32.28 47.26
N CYS A 620 -18.41 32.02 47.62
CA CYS A 620 -19.54 32.34 46.76
C CYS A 620 -20.08 33.73 47.08
N THR A 621 -20.52 34.43 46.04
CA THR A 621 -21.09 35.76 46.15
C THR A 621 -22.10 35.95 45.02
N PHE A 622 -23.12 36.77 45.27
CA PHE A 622 -24.01 37.25 44.21
C PHE A 622 -23.79 38.74 44.03
N THR A 623 -24.17 39.23 42.85
CA THR A 623 -24.50 40.63 42.65
C THR A 623 -25.87 40.68 41.99
N VAL A 624 -26.69 41.65 42.41
CA VAL A 624 -27.98 41.89 41.79
C VAL A 624 -28.11 43.39 41.56
N GLU A 625 -28.65 43.78 40.41
CA GLU A 625 -28.99 45.16 40.14
C GLU A 625 -30.00 45.20 39.00
N GLY A 626 -30.47 46.42 38.68
CA GLY A 626 -31.51 46.61 37.69
C GLY A 626 -32.26 47.91 37.94
N ALA A 627 -32.11 48.86 37.00
CA ALA A 627 -32.76 50.16 37.09
C ALA A 627 -34.27 49.99 36.93
N GLY A 628 -35.01 50.58 37.87
CA GLY A 628 -36.46 50.43 37.92
C GLY A 628 -36.90 49.45 39.01
N LEU A 629 -35.94 48.66 39.51
CA LEU A 629 -36.18 47.73 40.60
C LEU A 629 -35.35 48.15 41.83
N THR A 630 -34.05 48.35 41.61
CA THR A 630 -33.17 48.83 42.66
C THR A 630 -32.36 50.01 42.12
N GLU A 631 -31.86 50.84 43.04
CA GLU A 631 -30.82 51.82 42.75
C GLU A 631 -29.65 51.59 43.70
N GLU A 632 -29.54 50.33 44.15
CA GLU A 632 -28.54 49.90 45.11
C GLU A 632 -28.19 48.45 44.78
N GLN A 633 -27.16 48.28 43.93
CA GLN A 633 -26.59 46.98 43.64
C GLN A 633 -26.35 46.26 44.96
N LYS A 634 -27.09 45.16 45.18
CA LYS A 634 -27.02 44.41 46.42
C LYS A 634 -26.03 43.25 46.26
N THR A 635 -24.79 43.48 46.74
CA THR A 635 -23.79 42.43 46.85
C THR A 635 -24.00 41.68 48.15
N VAL A 636 -24.19 40.35 48.06
CA VAL A 636 -24.31 39.51 49.23
C VAL A 636 -23.23 38.43 49.16
N GLU A 637 -22.40 38.36 50.21
CA GLU A 637 -21.33 37.37 50.30
C GLU A 637 -21.88 36.11 50.98
N ILE A 638 -21.09 35.03 50.93
CA ILE A 638 -21.50 33.75 51.50
C ILE A 638 -20.33 33.15 52.27
N PRO A 639 -20.48 32.94 53.60
CA PRO A 639 -19.42 32.35 54.42
C PRO A 639 -19.38 30.83 54.40
N ASP A 640 -20.46 30.21 53.93
CA ASP A 640 -20.59 28.76 53.88
C ASP A 640 -20.20 28.25 52.50
N PRO A 641 -19.04 27.57 52.34
CA PRO A 641 -18.74 26.82 51.11
C PRO A 641 -19.89 25.91 50.67
N VAL A 642 -20.09 25.82 49.34
CA VAL A 642 -21.21 25.09 48.77
C VAL A 642 -20.71 23.78 48.19
N GLU A 643 -21.49 22.70 48.40
CA GLU A 643 -21.09 21.35 48.05
C GLU A 643 -21.58 21.03 46.64
N ALA A 644 -21.36 19.78 46.22
CA ALA A 644 -21.97 19.24 45.01
C ALA A 644 -23.48 19.13 45.19
N GLY A 645 -24.24 19.59 44.19
CA GLY A 645 -25.69 19.45 44.20
C GLY A 645 -26.35 20.47 45.14
N GLU A 646 -25.79 20.60 46.35
CA GLU A 646 -26.13 21.67 47.28
C GLU A 646 -26.27 22.99 46.52
N GLU A 647 -27.49 23.57 46.55
CA GLU A 647 -27.75 24.85 45.91
C GLU A 647 -27.38 25.97 46.89
N VAL A 648 -27.77 27.20 46.57
CA VAL A 648 -27.41 28.35 47.36
C VAL A 648 -28.35 29.51 47.04
N LYS A 649 -29.33 29.75 47.94
CA LYS A 649 -30.29 30.83 47.78
C LYS A 649 -29.82 32.06 48.55
N VAL A 650 -30.17 33.24 48.02
CA VAL A 650 -30.02 34.50 48.72
C VAL A 650 -31.26 35.35 48.46
N ARG A 651 -31.38 36.47 49.19
CA ARG A 651 -32.54 37.34 49.09
C ARG A 651 -32.10 38.79 48.89
N MET A 652 -33.03 39.63 48.43
CA MET A 652 -32.77 41.04 48.26
C MET A 652 -34.10 41.79 48.14
N ASP A 653 -34.21 42.94 48.84
CA ASP A 653 -35.43 43.72 48.88
C ASP A 653 -35.38 44.76 47.75
N LEU A 654 -36.46 44.82 46.95
CA LEU A 654 -36.54 45.70 45.80
C LEU A 654 -37.67 46.71 46.00
N LEU A 655 -37.41 47.97 45.63
CA LEU A 655 -38.37 49.05 45.73
C LEU A 655 -38.72 49.58 44.34
N PRO A 656 -39.65 48.94 43.60
CA PRO A 656 -39.97 49.37 42.24
C PRO A 656 -40.69 50.72 42.26
N LEU A 657 -40.60 51.43 41.13
CA LEU A 657 -40.92 52.84 41.06
C LEU A 657 -41.96 53.08 39.96
N HIS A 658 -41.73 52.48 38.78
CA HIS A 658 -42.50 52.79 37.59
C HIS A 658 -43.15 51.51 37.06
N MET A 659 -43.94 51.66 35.99
CA MET A 659 -44.96 50.68 35.62
C MET A 659 -44.43 49.68 34.60
N GLY A 660 -43.73 50.16 33.56
CA GLY A 660 -43.45 49.37 32.36
C GLY A 660 -42.48 48.22 32.62
N LEU A 661 -42.13 47.51 31.53
CA LEU A 661 -41.26 46.35 31.58
C LEU A 661 -39.95 46.71 32.26
N HIS A 662 -39.49 45.82 33.15
CA HIS A 662 -38.23 46.00 33.85
C HIS A 662 -37.53 44.65 34.00
N LYS A 663 -36.19 44.67 33.89
CA LYS A 663 -35.39 43.45 33.89
C LYS A 663 -34.37 43.53 35.03
N LEU A 664 -34.44 42.54 35.94
CA LEU A 664 -33.45 42.38 36.99
C LEU A 664 -32.28 41.58 36.43
N VAL A 665 -31.06 41.88 36.88
CA VAL A 665 -29.87 41.32 36.28
C VAL A 665 -28.93 40.86 37.40
N VAL A 666 -28.40 39.64 37.25
CA VAL A 666 -27.66 38.97 38.31
C VAL A 666 -26.31 38.49 37.76
N ASN A 667 -25.31 38.47 38.65
CA ASN A 667 -24.02 37.88 38.37
C ASN A 667 -23.65 36.98 39.55
N PHE A 668 -22.85 35.94 39.28
CA PHE A 668 -22.43 34.99 40.30
C PHE A 668 -20.93 34.74 40.15
N GLU A 669 -20.23 34.58 41.28
CA GLU A 669 -18.80 34.35 41.26
C GLU A 669 -18.47 33.24 42.26
N SER A 670 -17.41 32.48 41.95
CA SER A 670 -16.88 31.45 42.84
C SER A 670 -15.36 31.40 42.70
N ASP A 671 -14.73 30.54 43.52
CA ASP A 671 -13.30 30.30 43.42
C ASP A 671 -12.99 29.64 42.07
N LYS A 672 -13.80 28.63 41.70
CA LYS A 672 -13.51 27.78 40.56
C LYS A 672 -14.61 27.85 39.50
N LEU A 673 -15.60 28.75 39.70
CA LEU A 673 -16.70 28.91 38.76
C LEU A 673 -17.10 30.38 38.71
N LYS A 674 -16.70 31.07 37.63
CA LYS A 674 -16.77 32.53 37.59
C LYS A 674 -17.70 33.00 36.47
N ALA A 675 -18.40 34.11 36.75
CA ALA A 675 -19.04 34.94 35.75
C ALA A 675 -20.24 34.23 35.10
N VAL A 676 -21.12 33.67 35.94
CA VAL A 676 -22.35 33.06 35.46
C VAL A 676 -23.48 34.06 35.70
N LYS A 677 -24.08 34.53 34.60
CA LYS A 677 -25.01 35.64 34.61
C LYS A 677 -26.43 35.10 34.78
N GLY A 678 -27.41 35.92 34.39
CA GLY A 678 -28.82 35.57 34.50
C GLY A 678 -29.65 36.84 34.68
N PHE A 679 -30.92 36.77 34.27
CA PHE A 679 -31.81 37.90 34.37
C PHE A 679 -33.25 37.41 34.52
N ARG A 680 -34.17 38.35 34.79
CA ARG A 680 -35.59 38.05 34.86
C ARG A 680 -36.40 39.30 34.56
N ASN A 681 -37.40 39.15 33.69
CA ASN A 681 -38.33 40.23 33.36
C ASN A 681 -39.37 40.38 34.47
N VAL A 682 -39.86 41.61 34.66
CA VAL A 682 -40.90 41.92 35.61
C VAL A 682 -41.83 42.96 34.98
N ILE A 683 -43.13 42.85 35.28
CA ILE A 683 -44.18 43.64 34.64
C ILE A 683 -43.81 43.81 33.15
C ACE B 1 14.94 9.05 1.66
O ACE B 1 15.55 10.01 1.31
CH3 ACE B 1 14.54 8.00 0.64
N PRO B 2 14.57 8.86 3.05
CA PRO B 2 13.75 7.58 3.64
C PRO B 2 12.27 7.60 3.20
CA A1ALE B 3 10.23 6.17 2.96
C A1ALE B 3 9.63 6.64 4.31
CB A1ALE B 3 9.96 4.69 2.62
O A1ALE B 3 9.90 6.05 5.30
N A1ALE B 3 11.60 6.31 3.28
CG A1ALE B 3 8.71 4.48 1.71
CD A1ALE B 3 8.46 2.96 1.40
CE A1ALE B 3 6.93 2.61 1.51
CZ A1ALE B 3 6.56 1.35 2.34
O7 A1ALE B 3 7.42 0.80 2.95
N7 A1ALE B 3 5.16 0.85 2.35
C81 A1ALE B 3 4.75 -0.33 3.11
C82 A1ALE B 3 4.12 1.55 1.60
N LEU B 4 8.78 7.87 4.38
CA LEU B 4 8.26 8.32 5.70
C LEU B 4 6.75 8.20 5.80
N PRO B 5 6.19 7.57 6.98
CA PRO B 5 4.66 7.39 7.29
C PRO B 5 4.12 8.81 7.65
N PHE B 6 2.80 9.20 7.14
CA PHE B 6 2.27 10.51 7.46
C PHE B 6 1.72 10.48 8.88
N NH2 B 7 1.42 11.74 9.56
S SO4 C . -1.46 -18.10 -5.08
O1 SO4 C . -2.16 -17.96 -6.34
O2 SO4 C . -2.21 -17.42 -4.05
O3 SO4 C . -1.33 -19.48 -4.74
O4 SO4 C . -0.15 -17.50 -5.18
S SO4 D . -0.15 -22.82 -8.45
O1 SO4 D . -1.29 -23.65 -8.18
O2 SO4 D . 0.28 -22.19 -7.22
O3 SO4 D . 0.92 -23.62 -8.97
O4 SO4 D . -0.49 -21.80 -9.41
S SO4 E . 13.07 -35.27 -42.59
O1 SO4 E . 12.24 -36.33 -43.10
O2 SO4 E . 12.68 -34.97 -41.24
O3 SO4 E . 14.45 -35.69 -42.62
O4 SO4 E . 12.90 -34.10 -43.40
S SO4 F . -28.19 16.20 19.09
O1 SO4 F . -29.52 15.67 19.24
O2 SO4 F . -28.01 17.29 20.01
O3 SO4 F . -27.24 15.16 19.39
O4 SO4 F . -28.01 16.66 17.74
CL CL G . 8.49 -39.04 -18.91
#